data_5TL7
#
_entry.id   5TL7
#
_cell.length_a   75.981
_cell.length_b   98.191
_cell.length_c   106.636
_cell.angle_alpha   90.00
_cell.angle_beta   90.00
_cell.angle_gamma   90.00
#
_symmetry.space_group_name_H-M   'P 21 21 21'
#
loop_
_entity.id
_entity.type
_entity.pdbx_description
1 polymer 'Ubiquitin-like protein ISG15'
2 polymer 'Replicase polyprotein 1ab'
3 non-polymer 'ZINC ION'
4 water water
#
loop_
_entity_poly.entity_id
_entity_poly.type
_entity_poly.pdbx_seq_one_letter_code
_entity_poly.pdbx_strand_id
1 'polypeptide(L)'
;MEPLSILVRNERGHSNIYEVFLTQTVDTLKKKVSQREQVHEDQFWLSFEGRPMEDKELLGEYGLKPQCTVIKHLRLRG
(AYE)
;
A,C
2 'polypeptide(L)'
;MASMEVKTIKVFTTVDNTNLHTQLVDMSMTYGQQFGPTYLDGADVTKIKPHVNHEGKTFFVLPSDDTLRSEAFEYYHTLD
ESFLGRYMSALNHTKKWKFPQVGGLTSIKWADNNCYLSSVLLALQQLEVKFNAPALQEAYYRARAGDAANFCALILAYSN
KTVGELGDVRETMTHLLQHANLESAKRVLNVVCKHCGQKTTTLTGVEAVMYMGTLSYDNLKTGVSIPCVCGRDATQYLVQ
QESSFVMMSAPPAEYKLQQGTFLCANEYTGNYQCGHYTHITAKETLYRIDGAHLTKMSEYKGPVTDVFYKETSYTTTIK
;
B,D
#
# COMPACT_ATOMS: atom_id res chain seq x y z
N PRO A 3 47.01 10.14 15.24
CA PRO A 3 46.59 11.53 15.20
C PRO A 3 45.13 11.83 14.96
N LEU A 4 44.26 10.82 14.88
CA LEU A 4 42.84 11.11 14.98
C LEU A 4 42.01 9.99 15.59
N SER A 5 41.18 10.31 16.58
CA SER A 5 40.15 9.38 17.11
C SER A 5 38.73 9.67 16.58
N ILE A 6 38.13 8.66 15.94
CA ILE A 6 36.77 8.74 15.41
C ILE A 6 35.90 7.59 15.94
N LEU A 7 34.60 7.80 15.80
CA LEU A 7 33.61 6.84 16.23
C LEU A 7 33.08 6.16 15.00
N VAL A 8 33.11 4.84 14.98
CA VAL A 8 32.38 4.09 13.97
C VAL A 8 31.16 3.54 14.64
N ARG A 9 29.97 3.86 14.11
CA ARG A 9 28.71 3.39 14.64
C ARG A 9 28.00 2.34 13.75
N ASN A 10 27.64 1.20 14.32
CA ASN A 10 26.81 0.18 13.63
C ASN A 10 25.43 0.74 13.36
N GLU A 11 24.64 0.02 12.59
CA GLU A 11 23.24 0.38 12.45
C GLU A 11 22.35 -0.33 13.49
N ARG A 12 22.92 -1.32 14.17
CA ARG A 12 22.29 -1.97 15.30
C ARG A 12 22.66 -1.25 16.63
N GLY A 13 22.94 0.06 16.58
CA GLY A 13 23.19 0.86 17.80
C GLY A 13 24.62 1.13 18.28
N HIS A 14 25.46 0.11 18.29
CA HIS A 14 26.78 0.20 18.93
C HIS A 14 27.71 1.10 18.17
N SER A 15 28.72 1.56 18.92
CA SER A 15 29.74 2.47 18.47
C SER A 15 31.05 2.10 19.14
N ASN A 16 32.15 2.28 18.41
CA ASN A 16 33.49 1.97 18.89
C ASN A 16 34.51 2.96 18.34
N ILE A 17 35.51 3.24 19.15
CA ILE A 17 36.47 4.28 18.90
C ILE A 17 37.61 3.64 18.13
N TYR A 18 38.08 4.33 17.10
CA TYR A 18 39.21 3.90 16.33
C TYR A 18 40.25 5.02 16.20
N GLU A 19 41.54 4.67 16.35
CA GLU A 19 42.58 5.64 16.14
C GLU A 19 42.94 5.49 14.66
N VAL A 20 42.93 6.61 13.91
CA VAL A 20 43.29 6.61 12.50
C VAL A 20 44.17 7.83 12.15
N PHE A 21 44.94 7.71 11.07
CA PHE A 21 45.59 8.82 10.35
C PHE A 21 44.79 9.13 9.09
N LEU A 22 44.74 10.41 8.69
CA LEU A 22 43.99 10.85 7.52
C LEU A 22 44.51 10.21 6.22
N THR A 23 45.74 9.73 6.27
CA THR A 23 46.39 9.12 5.15
C THR A 23 46.38 7.60 5.14
N GLN A 24 45.61 6.95 6.02
CA GLN A 24 45.31 5.51 5.86
C GLN A 24 44.15 5.35 4.92
N THR A 25 44.02 4.18 4.32
CA THR A 25 42.93 4.00 3.36
C THR A 25 41.65 3.61 4.08
N VAL A 26 40.57 3.68 3.36
CA VAL A 26 39.32 3.15 3.80
C VAL A 26 39.45 1.63 3.99
N ASP A 27 40.20 0.97 3.11
CA ASP A 27 40.45 -0.47 3.24
C ASP A 27 41.09 -0.81 4.59
N THR A 28 42.04 0.03 5.01
CA THR A 28 42.73 -0.19 6.26
C THR A 28 41.75 -0.10 7.42
N LEU A 29 40.91 0.94 7.39
CA LEU A 29 39.96 1.18 8.46
C LEU A 29 38.90 0.05 8.51
N LYS A 30 38.48 -0.42 7.35
CA LYS A 30 37.63 -1.61 7.28
C LYS A 30 38.31 -2.83 7.95
N LYS A 31 39.62 -2.93 7.83
CA LYS A 31 40.37 -4.01 8.48
C LYS A 31 40.36 -3.80 9.98
N LYS A 32 40.56 -2.58 10.42
CA LYS A 32 40.45 -2.29 11.84
C LYS A 32 39.06 -2.70 12.33
N VAL A 33 38.03 -2.37 11.58
CA VAL A 33 36.65 -2.70 12.01
C VAL A 33 36.34 -4.20 11.91
N SER A 34 36.81 -4.82 10.83
CA SER A 34 36.64 -6.25 10.66
C SER A 34 37.21 -6.89 11.91
N GLN A 35 38.46 -6.54 12.21
CA GLN A 35 39.19 -7.11 13.36
C GLN A 35 38.48 -6.91 14.70
N ARG A 36 38.15 -5.67 15.05
CA ARG A 36 37.51 -5.39 16.32
C ARG A 36 36.12 -6.04 16.43
N GLU A 37 35.32 -5.87 15.40
CA GLU A 37 33.91 -6.26 15.48
C GLU A 37 33.61 -7.68 14.95
N GLN A 38 34.63 -8.37 14.43
CA GLN A 38 34.52 -9.78 14.01
C GLN A 38 33.46 -9.99 12.94
N VAL A 39 33.62 -9.24 11.86
CA VAL A 39 32.76 -9.30 10.70
C VAL A 39 33.72 -9.24 9.49
N HIS A 40 33.54 -10.11 8.50
CA HIS A 40 34.41 -10.06 7.31
C HIS A 40 34.27 -8.66 6.63
N GLU A 41 35.31 -8.26 5.92
CA GLU A 41 35.38 -6.97 5.24
C GLU A 41 34.41 -6.88 4.04
N ASP A 42 34.14 -8.03 3.43
CA ASP A 42 33.23 -8.16 2.28
C ASP A 42 31.79 -7.96 2.70
N GLN A 43 31.54 -7.97 4.01
CA GLN A 43 30.19 -8.09 4.57
C GLN A 43 29.64 -6.72 5.08
N PHE A 44 30.40 -5.65 4.92
CA PHE A 44 29.91 -4.36 5.32
C PHE A 44 30.59 -3.22 4.57
N TRP A 45 29.96 -2.05 4.61
CA TRP A 45 30.52 -0.83 4.04
C TRP A 45 30.43 0.34 5.05
N LEU A 46 31.19 1.37 4.76
CA LEU A 46 31.29 2.57 5.59
C LEU A 46 30.83 3.82 4.85
N SER A 47 29.96 4.63 5.48
CA SER A 47 29.69 5.98 4.99
C SER A 47 30.08 7.07 5.99
N PHE A 48 30.34 8.27 5.47
CA PHE A 48 30.51 9.45 6.29
C PHE A 48 29.63 10.56 5.73
N GLU A 49 28.60 10.93 6.50
CA GLU A 49 27.68 12.00 6.17
C GLU A 49 27.01 11.76 4.82
N GLY A 50 26.53 10.54 4.62
CA GLY A 50 25.85 10.16 3.36
C GLY A 50 26.75 9.73 2.20
N ARG A 51 28.05 9.93 2.34
CA ARG A 51 28.99 9.62 1.28
C ARG A 51 29.59 8.21 1.48
N PRO A 52 29.36 7.27 0.54
CA PRO A 52 29.98 5.98 0.71
C PRO A 52 31.46 6.14 0.67
N MET A 53 32.16 5.39 1.51
CA MET A 53 33.60 5.42 1.52
C MET A 53 34.17 4.31 0.64
N GLU A 54 35.06 4.67 -0.30
CA GLU A 54 35.72 3.75 -1.22
C GLU A 54 37.05 3.20 -0.70
N ASP A 55 37.12 1.88 -0.61
CA ASP A 55 38.28 1.16 -0.07
C ASP A 55 39.65 1.81 -0.38
N LYS A 56 39.85 2.16 -1.65
CA LYS A 56 41.10 2.71 -2.20
C LYS A 56 41.44 4.14 -1.72
N GLU A 57 40.41 4.91 -1.33
CA GLU A 57 40.59 6.30 -0.98
C GLU A 57 41.22 6.45 0.38
N LEU A 58 41.89 7.57 0.58
CA LEU A 58 42.40 7.98 1.87
C LEU A 58 41.24 8.51 2.72
N LEU A 59 41.28 8.28 4.02
CA LEU A 59 40.21 8.74 4.90
C LEU A 59 40.10 10.27 4.82
N GLY A 60 41.22 10.94 4.57
CA GLY A 60 41.24 12.38 4.48
C GLY A 60 40.28 12.92 3.45
N GLU A 61 40.09 12.18 2.37
CA GLU A 61 39.24 12.67 1.29
C GLU A 61 37.80 12.95 1.74
N TYR A 62 37.37 12.30 2.81
CA TYR A 62 36.01 12.43 3.32
C TYR A 62 35.87 13.53 4.35
N GLY A 63 36.99 14.14 4.76
CA GLY A 63 36.94 15.29 5.66
C GLY A 63 36.62 14.89 7.09
N LEU A 64 37.22 13.82 7.56
CA LEU A 64 36.97 13.34 8.90
C LEU A 64 37.63 14.28 9.91
N LYS A 65 36.95 14.48 11.06
CA LYS A 65 37.43 15.34 12.13
C LYS A 65 37.48 14.50 13.36
N PRO A 66 38.08 15.03 14.43
CA PRO A 66 38.09 14.39 15.75
C PRO A 66 36.71 14.12 16.30
N GLN A 67 36.52 12.90 16.75
CA GLN A 67 35.27 12.44 17.33
C GLN A 67 34.07 12.40 16.37
N CYS A 68 34.32 12.50 15.07
CA CYS A 68 33.24 12.34 14.09
C CYS A 68 32.75 10.90 14.05
N THR A 69 31.58 10.72 13.46
CA THR A 69 30.93 9.42 13.36
C THR A 69 30.94 8.92 11.94
N VAL A 70 31.66 7.83 11.71
CA VAL A 70 31.49 7.04 10.50
C VAL A 70 30.44 5.97 10.79
N ILE A 71 29.55 5.76 9.82
CA ILE A 71 28.54 4.72 9.87
C ILE A 71 28.97 3.39 9.21
N LYS A 72 28.78 2.29 9.94
CA LYS A 72 28.97 0.94 9.38
C LYS A 72 27.65 0.35 8.92
N HIS A 73 27.57 -0.12 7.67
CA HIS A 73 26.34 -0.70 7.12
C HIS A 73 26.54 -2.16 6.73
N LEU A 74 25.62 -3.05 7.14
CA LEU A 74 25.70 -4.47 6.73
C LEU A 74 25.29 -4.62 5.31
N ARG A 75 26.06 -5.40 4.60
CA ARG A 75 25.84 -5.56 3.19
C ARG A 75 25.08 -6.89 2.96
N LEU A 76 23.94 -6.81 2.28
CA LEU A 76 23.26 -7.98 1.73
C LEU A 76 24.00 -8.40 0.49
N ARG A 77 24.45 -9.64 0.47
CA ARG A 77 25.16 -10.16 -0.67
C ARG A 77 24.21 -10.87 -1.66
N GLY A 78 23.44 -10.06 -2.39
CA GLY A 78 22.44 -10.50 -3.35
C GLY A 78 23.02 -10.76 -4.74
N MET B 4 63.24 -25.02 -22.44
CA MET B 4 62.16 -24.88 -21.41
C MET B 4 61.22 -23.66 -21.67
N GLU B 5 59.92 -23.92 -21.76
CA GLU B 5 58.93 -22.88 -22.09
C GLU B 5 58.48 -22.01 -20.89
N VAL B 6 58.15 -20.76 -21.21
CA VAL B 6 57.73 -19.77 -20.23
C VAL B 6 56.26 -20.01 -19.89
N LYS B 7 55.94 -19.94 -18.61
CA LYS B 7 54.56 -20.08 -18.17
C LYS B 7 53.72 -18.92 -18.73
N THR B 8 52.65 -19.29 -19.42
CA THR B 8 51.87 -18.33 -20.20
C THR B 8 50.36 -18.65 -20.14
N ILE B 9 49.49 -17.67 -20.39
CA ILE B 9 48.06 -17.96 -20.62
C ILE B 9 47.57 -17.22 -21.84
N LYS B 10 46.57 -17.78 -22.51
CA LYS B 10 45.92 -17.12 -23.65
C LYS B 10 44.74 -16.26 -23.15
N VAL B 11 44.79 -14.96 -23.42
CA VAL B 11 43.69 -14.04 -23.09
C VAL B 11 43.33 -13.17 -24.28
N PHE B 12 42.12 -12.64 -24.26
CA PHE B 12 41.69 -11.79 -25.34
C PHE B 12 41.89 -10.35 -24.88
N THR B 13 42.23 -9.50 -25.82
CA THR B 13 42.57 -8.14 -25.55
C THR B 13 41.70 -7.26 -26.47
N THR B 14 41.39 -6.04 -26.04
CA THR B 14 40.58 -5.09 -26.81
C THR B 14 40.70 -3.65 -26.31
N VAL B 15 40.75 -2.70 -27.23
CA VAL B 15 40.84 -1.26 -26.92
C VAL B 15 39.56 -0.53 -27.27
N ASP B 16 38.53 -1.25 -27.69
CA ASP B 16 37.25 -0.59 -28.09
C ASP B 16 35.99 -1.40 -27.87
N ASN B 17 36.11 -2.54 -27.17
CA ASN B 17 34.99 -3.49 -26.99
C ASN B 17 34.35 -4.05 -28.23
N THR B 18 34.90 -3.79 -29.41
CA THR B 18 34.44 -4.49 -30.58
C THR B 18 35.45 -5.48 -31.05
N ASN B 19 36.69 -5.05 -31.19
CA ASN B 19 37.73 -5.85 -31.82
C ASN B 19 38.52 -6.59 -30.78
N LEU B 20 38.56 -7.92 -30.93
CA LEU B 20 39.26 -8.79 -30.00
C LEU B 20 40.48 -9.43 -30.64
N HIS B 21 41.63 -9.26 -29.98
CA HIS B 21 42.90 -9.84 -30.41
C HIS B 21 43.32 -10.86 -29.39
N THR B 22 43.89 -11.96 -29.86
CA THR B 22 44.35 -12.99 -28.97
C THR B 22 45.71 -12.56 -28.44
N GLN B 23 45.97 -12.84 -27.17
CA GLN B 23 47.26 -12.51 -26.59
C GLN B 23 47.75 -13.63 -25.66
N LEU B 24 49.03 -13.97 -25.73
CA LEU B 24 49.65 -14.78 -24.69
C LEU B 24 50.26 -13.82 -23.65
N VAL B 25 49.96 -14.04 -22.38
CA VAL B 25 50.51 -13.21 -21.33
C VAL B 25 51.55 -13.97 -20.55
N ASP B 26 52.64 -13.26 -20.24
CA ASP B 26 53.75 -13.82 -19.47
C ASP B 26 53.42 -13.75 -17.99
N MET B 27 53.50 -14.88 -17.30
CA MET B 27 53.12 -14.93 -15.88
C MET B 27 54.09 -14.22 -14.92
N SER B 28 55.32 -13.93 -15.35
CA SER B 28 56.29 -13.31 -14.44
C SER B 28 56.26 -11.77 -14.46
N MET B 29 55.26 -11.19 -15.14
CA MET B 29 55.13 -9.73 -15.20
C MET B 29 53.70 -9.29 -15.01
N THR B 30 53.48 -8.23 -14.26
CA THR B 30 52.15 -7.63 -14.18
C THR B 30 51.61 -7.46 -15.58
N TYR B 31 50.30 -7.40 -15.71
CA TYR B 31 49.70 -6.94 -16.96
C TYR B 31 50.18 -5.54 -17.33
N GLY B 32 50.31 -4.66 -16.36
CA GLY B 32 50.80 -3.30 -16.58
C GLY B 32 52.15 -3.20 -17.29
N GLN B 33 53.04 -4.16 -17.01
CA GLN B 33 54.36 -4.20 -17.62
C GLN B 33 54.28 -4.60 -19.07
N GLN B 34 53.29 -5.42 -19.39
CA GLN B 34 53.13 -6.00 -20.71
C GLN B 34 52.24 -5.22 -21.64
N PHE B 35 51.15 -4.67 -21.13
CA PHE B 35 50.16 -4.00 -21.96
C PHE B 35 49.91 -2.51 -21.65
N GLY B 36 50.45 -2.00 -20.54
CA GLY B 36 50.08 -0.69 -20.05
C GLY B 36 48.86 -0.86 -19.17
N PRO B 37 48.12 0.23 -18.90
CA PRO B 37 46.96 0.17 -18.00
C PRO B 37 45.86 -0.76 -18.53
N THR B 38 45.47 -1.73 -17.69
CA THR B 38 44.72 -2.93 -18.08
C THR B 38 43.65 -3.22 -17.05
N TYR B 39 42.50 -3.70 -17.51
CA TYR B 39 41.33 -3.81 -16.67
C TYR B 39 40.60 -5.09 -16.99
N LEU B 40 39.89 -5.62 -16.00
CA LEU B 40 39.22 -6.91 -16.16
C LEU B 40 37.98 -6.91 -15.30
N ASP B 41 36.82 -7.27 -15.89
CA ASP B 41 35.54 -7.38 -15.16
C ASP B 41 35.16 -6.16 -14.29
N GLY B 42 35.68 -4.99 -14.62
CA GLY B 42 35.50 -3.78 -13.82
C GLY B 42 36.59 -3.57 -12.77
N ALA B 43 37.62 -4.42 -12.75
CA ALA B 43 38.73 -4.22 -11.83
C ALA B 43 39.95 -3.69 -12.56
N ASP B 44 40.75 -2.89 -11.85
CA ASP B 44 42.07 -2.47 -12.32
C ASP B 44 43.09 -3.58 -12.00
N VAL B 45 43.65 -4.18 -13.05
CA VAL B 45 44.65 -5.23 -12.86
C VAL B 45 46.02 -4.83 -13.34
N THR B 46 46.20 -3.53 -13.60
CA THR B 46 47.49 -3.01 -14.06
C THR B 46 48.69 -3.53 -13.18
N LYS B 47 48.51 -3.56 -11.86
CA LYS B 47 49.59 -3.93 -10.93
C LYS B 47 49.53 -5.37 -10.38
N ILE B 48 48.67 -6.23 -10.90
CA ILE B 48 48.73 -7.64 -10.53
C ILE B 48 49.30 -8.51 -11.64
N LYS B 49 49.90 -9.63 -11.23
CA LYS B 49 50.44 -10.65 -12.13
C LYS B 49 49.32 -11.51 -12.68
N PRO B 50 49.48 -12.05 -13.89
CA PRO B 50 48.52 -13.01 -14.40
C PRO B 50 48.24 -14.20 -13.48
N HIS B 51 47.02 -14.68 -13.53
CA HIS B 51 46.59 -15.82 -12.72
C HIS B 51 45.94 -16.80 -13.68
N VAL B 52 46.13 -18.09 -13.43
CA VAL B 52 45.68 -19.16 -14.38
C VAL B 52 44.19 -19.12 -14.68
N ASN B 53 43.44 -18.70 -13.67
CA ASN B 53 42.00 -18.48 -13.79
C ASN B 53 41.57 -17.36 -14.74
N HIS B 54 42.49 -16.48 -15.10
CA HIS B 54 42.21 -15.40 -16.05
C HIS B 54 42.19 -15.90 -17.47
N GLU B 55 42.61 -17.16 -17.67
CA GLU B 55 42.60 -17.75 -19.01
C GLU B 55 41.23 -17.69 -19.67
N GLY B 56 41.22 -17.24 -20.92
CA GLY B 56 39.97 -17.10 -21.65
C GLY B 56 39.24 -15.79 -21.43
N LYS B 57 39.64 -15.01 -20.42
CA LYS B 57 39.00 -13.71 -20.15
C LYS B 57 39.38 -12.68 -21.20
N THR B 58 38.49 -11.71 -21.38
CA THR B 58 38.74 -10.52 -22.21
C THR B 58 39.20 -9.37 -21.33
N PHE B 59 40.27 -8.69 -21.70
CA PHE B 59 40.83 -7.58 -20.91
C PHE B 59 40.74 -6.29 -21.70
N PHE B 60 40.33 -5.20 -21.07
CA PHE B 60 40.33 -3.89 -21.71
C PHE B 60 41.63 -3.11 -21.41
N VAL B 61 42.39 -2.78 -22.45
CA VAL B 61 43.59 -1.98 -22.26
C VAL B 61 43.34 -0.54 -22.70
N LEU B 62 43.90 0.39 -21.95
CA LEU B 62 43.58 1.77 -22.16
C LEU B 62 44.81 2.61 -21.85
N PRO B 63 45.57 3.00 -22.88
CA PRO B 63 46.85 3.67 -22.67
C PRO B 63 46.82 4.84 -21.69
N SER B 64 47.95 5.02 -21.01
CA SER B 64 48.11 6.07 -20.02
C SER B 64 48.31 7.38 -20.77
N ASP B 65 47.21 8.14 -20.86
CA ASP B 65 47.11 9.30 -21.74
C ASP B 65 46.90 10.57 -20.92
N ASP B 66 45.98 10.55 -19.96
CA ASP B 66 45.66 11.71 -19.10
C ASP B 66 45.05 12.92 -19.85
N THR B 67 44.81 12.77 -21.15
CA THR B 67 43.91 13.68 -21.87
C THR B 67 42.47 13.26 -21.58
N LEU B 68 42.27 11.94 -21.47
CA LEU B 68 40.99 11.35 -21.09
C LEU B 68 40.66 11.62 -19.62
N ARG B 69 41.62 12.15 -18.86
CA ARG B 69 41.35 12.56 -17.47
C ARG B 69 40.44 13.80 -17.46
N SER B 70 40.60 14.67 -18.46
CA SER B 70 39.72 15.80 -18.60
C SER B 70 38.33 15.34 -19.01
N GLU B 71 38.30 14.41 -19.97
CA GLU B 71 37.08 13.74 -20.44
C GLU B 71 36.33 13.15 -19.25
N ALA B 72 37.06 12.36 -18.45
CA ALA B 72 36.49 11.66 -17.32
C ALA B 72 35.81 12.64 -16.37
N PHE B 73 36.56 13.60 -15.85
CA PHE B 73 35.97 14.69 -15.03
C PHE B 73 34.67 15.26 -15.61
N GLU B 74 34.74 15.78 -16.81
CA GLU B 74 33.62 16.57 -17.35
C GLU B 74 32.40 15.75 -17.72
N TYR B 75 32.63 14.53 -18.21
CA TYR B 75 31.55 13.65 -18.65
C TYR B 75 31.07 12.69 -17.53
N TYR B 76 31.96 12.27 -16.63
CA TYR B 76 31.61 11.31 -15.55
C TYR B 76 31.66 11.92 -14.15
N HIS B 77 32.10 13.17 -14.01
CA HIS B 77 32.24 13.81 -12.68
C HIS B 77 33.09 12.93 -11.72
N THR B 78 34.22 12.45 -12.21
CA THR B 78 35.10 11.67 -11.37
C THR B 78 36.51 12.07 -11.64
N LEU B 79 37.34 12.09 -10.60
CA LEU B 79 38.78 12.26 -10.71
C LEU B 79 39.55 10.93 -10.48
N ASP B 80 38.85 9.80 -10.41
CA ASP B 80 39.54 8.51 -10.27
C ASP B 80 40.13 8.15 -11.63
N GLU B 81 41.46 8.09 -11.71
CA GLU B 81 42.11 7.73 -12.96
C GLU B 81 41.77 6.29 -13.39
N SER B 82 41.36 5.42 -12.48
CA SER B 82 41.00 4.05 -12.87
C SER B 82 39.55 3.85 -13.42
N PHE B 83 38.74 4.90 -13.42
CA PHE B 83 37.31 4.81 -13.62
C PHE B 83 36.95 4.37 -15.00
N LEU B 84 37.58 4.97 -16.00
CA LEU B 84 37.25 4.69 -17.38
C LEU B 84 37.52 3.26 -17.73
N GLY B 85 38.71 2.79 -17.36
CA GLY B 85 39.11 1.38 -17.54
C GLY B 85 38.15 0.43 -16.85
N ARG B 86 37.75 0.78 -15.60
CA ARG B 86 36.88 -0.13 -14.88
C ARG B 86 35.54 -0.20 -15.60
N TYR B 87 35.04 0.97 -15.99
CA TYR B 87 33.82 1.12 -16.74
C TYR B 87 33.78 0.32 -18.05
N MET B 88 34.87 0.33 -18.79
CA MET B 88 34.90 -0.24 -20.14
C MET B 88 35.10 -1.76 -20.09
N SER B 89 35.94 -2.22 -19.17
CA SER B 89 36.07 -3.67 -18.93
C SER B 89 34.73 -4.33 -18.45
N ALA B 90 33.91 -3.55 -17.72
CA ALA B 90 32.60 -4.02 -17.27
C ALA B 90 31.66 -4.09 -18.43
N LEU B 91 31.72 -3.03 -19.25
CA LEU B 91 30.90 -2.87 -20.44
C LEU B 91 31.11 -4.02 -21.36
N ASN B 92 32.28 -4.63 -21.31
CA ASN B 92 32.52 -5.80 -22.13
C ASN B 92 31.63 -6.95 -21.74
N HIS B 93 31.33 -7.09 -20.44
CA HIS B 93 30.36 -8.07 -19.98
C HIS B 93 28.92 -7.65 -20.13
N THR B 94 28.59 -6.40 -19.80
CA THR B 94 27.16 -5.98 -19.70
C THR B 94 26.52 -5.89 -21.06
N LYS B 95 27.34 -5.84 -22.09
CA LYS B 95 26.85 -5.91 -23.44
C LYS B 95 26.36 -7.34 -23.82
N LYS B 96 26.71 -8.37 -23.04
CA LYS B 96 26.21 -9.74 -23.28
C LYS B 96 24.99 -10.04 -22.42
N TRP B 97 24.57 -9.05 -21.63
CA TRP B 97 23.35 -9.17 -20.85
C TRP B 97 22.14 -8.78 -21.69
N LYS B 98 21.02 -9.46 -21.45
CA LYS B 98 19.80 -9.25 -22.18
C LYS B 98 18.93 -8.40 -21.30
N PHE B 99 18.12 -7.54 -21.90
CA PHE B 99 17.33 -6.53 -21.17
C PHE B 99 15.86 -6.55 -21.60
N PRO B 100 15.09 -7.47 -21.00
CA PRO B 100 13.72 -7.63 -21.43
C PRO B 100 12.85 -6.49 -20.93
N GLN B 101 11.86 -6.13 -21.73
CA GLN B 101 10.87 -5.11 -21.39
C GLN B 101 9.72 -5.81 -20.69
N VAL B 102 9.58 -5.58 -19.39
CA VAL B 102 8.69 -6.39 -18.55
C VAL B 102 7.75 -5.52 -17.74
N GLY B 103 6.46 -5.63 -18.02
CA GLY B 103 5.47 -4.84 -17.34
C GLY B 103 5.70 -3.36 -17.51
N GLY B 104 6.13 -2.98 -18.73
CA GLY B 104 6.37 -1.57 -19.09
C GLY B 104 7.67 -0.94 -18.58
N LEU B 105 8.61 -1.75 -18.08
CA LEU B 105 9.90 -1.25 -17.55
C LEU B 105 11.04 -2.09 -18.11
N THR B 106 12.27 -1.52 -18.11
CA THR B 106 13.45 -2.31 -18.51
C THR B 106 14.04 -3.05 -17.33
N SER B 107 14.23 -4.36 -17.52
CA SER B 107 14.72 -5.24 -16.48
C SER B 107 15.93 -6.00 -17.06
N ILE B 108 16.52 -6.90 -16.30
CA ILE B 108 17.69 -7.64 -16.79
C ILE B 108 17.52 -9.12 -16.60
N LYS B 109 17.90 -9.86 -17.62
CA LYS B 109 17.82 -11.31 -17.55
C LYS B 109 18.94 -11.82 -16.62
N TRP B 110 18.65 -12.85 -15.85
CA TRP B 110 19.61 -13.33 -14.86
C TRP B 110 20.93 -13.65 -15.55
N ALA B 111 21.99 -13.07 -15.02
CA ALA B 111 23.34 -13.47 -15.35
C ALA B 111 24.29 -12.76 -14.38
N ASP B 112 25.39 -13.41 -14.05
CA ASP B 112 26.47 -12.76 -13.32
C ASP B 112 25.99 -12.08 -12.06
N ASN B 113 25.03 -12.66 -11.37
CA ASN B 113 24.56 -12.18 -10.07
C ASN B 113 24.03 -10.74 -10.11
N ASN B 114 23.33 -10.46 -11.20
CA ASN B 114 22.96 -9.10 -11.52
C ASN B 114 21.57 -8.81 -11.01
N CYS B 115 21.02 -9.71 -10.19
CA CYS B 115 19.69 -9.44 -9.63
C CYS B 115 19.63 -8.08 -8.90
N TYR B 116 20.69 -7.70 -8.19
CA TYR B 116 20.63 -6.46 -7.43
C TYR B 116 20.62 -5.23 -8.35
N LEU B 117 21.36 -5.33 -9.46
CA LEU B 117 21.36 -4.27 -10.45
C LEU B 117 20.04 -4.20 -11.19
N SER B 118 19.35 -5.33 -11.30
CA SER B 118 18.04 -5.32 -11.90
C SER B 118 17.10 -4.51 -11.02
N SER B 119 17.15 -4.75 -9.71
CA SER B 119 16.34 -3.96 -8.78
C SER B 119 16.62 -2.46 -8.88
N VAL B 120 17.90 -2.12 -8.90
CA VAL B 120 18.31 -0.72 -8.99
C VAL B 120 17.76 -0.07 -10.24
N LEU B 121 17.83 -0.83 -11.34
CA LEU B 121 17.41 -0.32 -12.65
C LEU B 121 15.90 -0.17 -12.67
N LEU B 122 15.23 -1.25 -12.27
CA LEU B 122 13.78 -1.19 -12.18
C LEU B 122 13.25 -0.03 -11.31
N ALA B 123 13.81 0.14 -10.12
CA ALA B 123 13.41 1.19 -9.18
C ALA B 123 13.60 2.61 -9.75
N LEU B 124 14.77 2.88 -10.32
CA LEU B 124 15.08 4.23 -10.83
C LEU B 124 14.12 4.72 -11.87
N GLN B 125 13.68 3.82 -12.76
CA GLN B 125 12.71 4.14 -13.79
C GLN B 125 11.36 4.70 -13.30
N GLN B 126 11.09 4.59 -12.01
CA GLN B 126 9.81 4.98 -11.45
C GLN B 126 9.93 6.22 -10.59
N LEU B 127 11.16 6.68 -10.39
CA LEU B 127 11.47 7.83 -9.60
C LEU B 127 11.65 9.03 -10.46
N GLU B 128 11.06 10.14 -10.05
CA GLU B 128 11.42 11.39 -10.65
C GLU B 128 12.81 11.72 -10.10
N VAL B 129 13.82 11.24 -10.81
CA VAL B 129 15.21 11.51 -10.45
C VAL B 129 15.99 11.65 -11.75
N LYS B 130 17.19 12.24 -11.69
CA LYS B 130 18.01 12.56 -12.86
C LYS B 130 19.45 12.78 -12.39
N PHE B 131 20.37 12.56 -13.30
CA PHE B 131 21.79 12.54 -12.99
C PHE B 131 22.51 13.70 -13.66
N ASN B 132 23.48 14.26 -12.93
CA ASN B 132 24.16 15.47 -13.28
C ASN B 132 25.34 15.22 -14.16
N ALA B 133 25.93 14.02 -14.04
CA ALA B 133 27.04 13.62 -14.89
C ALA B 133 26.53 13.28 -16.28
N PRO B 134 26.88 14.09 -17.29
CA PRO B 134 26.33 13.97 -18.66
C PRO B 134 26.31 12.53 -19.22
N ALA B 135 27.44 11.83 -19.13
CA ALA B 135 27.47 10.46 -19.68
C ALA B 135 26.59 9.57 -18.87
N LEU B 136 26.47 9.86 -17.58
CA LEU B 136 25.65 9.03 -16.72
C LEU B 136 24.19 9.19 -17.07
N GLN B 137 23.78 10.45 -17.29
CA GLN B 137 22.39 10.73 -17.62
C GLN B 137 21.99 10.10 -18.98
N GLU B 138 22.85 10.27 -19.98
CA GLU B 138 22.60 9.74 -21.31
C GLU B 138 22.45 8.22 -21.24
N ALA B 139 23.33 7.56 -20.50
CA ALA B 139 23.23 6.13 -20.28
C ALA B 139 21.91 5.79 -19.59
N TYR B 140 21.52 6.62 -18.61
CA TYR B 140 20.26 6.37 -17.90
C TYR B 140 19.11 6.46 -18.88
N TYR B 141 19.08 7.55 -19.63
CA TYR B 141 18.10 7.73 -20.71
C TYR B 141 17.97 6.49 -21.57
N ARG B 142 19.10 5.96 -22.02
CA ARG B 142 19.09 4.85 -22.97
C ARG B 142 18.60 3.59 -22.31
N ALA B 143 18.94 3.40 -21.04
CA ALA B 143 18.48 2.22 -20.35
C ALA B 143 16.94 2.26 -20.18
N ARG B 144 16.37 3.44 -20.02
CA ARG B 144 14.90 3.61 -19.98
C ARG B 144 14.22 3.25 -21.32
N ALA B 145 14.96 3.31 -22.41
CA ALA B 145 14.45 2.90 -23.71
C ALA B 145 14.79 1.44 -24.05
N GLY B 146 15.52 0.72 -23.20
CA GLY B 146 15.78 -0.70 -23.44
C GLY B 146 17.22 -1.03 -23.75
N ASP B 147 18.06 0.00 -23.85
CA ASP B 147 19.46 -0.12 -24.21
C ASP B 147 20.30 0.22 -22.97
N ALA B 148 20.60 -0.81 -22.18
CA ALA B 148 21.01 -0.62 -20.79
C ALA B 148 22.43 -1.03 -20.43
N ALA B 149 23.13 -1.65 -21.37
CA ALA B 149 24.48 -2.17 -21.14
C ALA B 149 25.44 -1.14 -20.52
N ASN B 150 25.35 0.09 -21.00
CA ASN B 150 26.21 1.18 -20.57
C ASN B 150 25.88 1.62 -19.17
N PHE B 151 24.60 1.73 -18.87
CA PHE B 151 24.20 2.20 -17.57
C PHE B 151 24.67 1.21 -16.51
N CYS B 152 24.37 -0.06 -16.71
CA CYS B 152 24.82 -1.13 -15.82
C CYS B 152 26.33 -1.16 -15.59
N ALA B 153 27.12 -0.90 -16.62
CA ALA B 153 28.56 -0.87 -16.46
C ALA B 153 29.02 0.33 -15.62
N LEU B 154 28.35 1.47 -15.79
CA LEU B 154 28.63 2.70 -15.03
C LEU B 154 28.22 2.48 -13.60
N ILE B 155 27.12 1.75 -13.41
CA ILE B 155 26.66 1.42 -12.05
C ILE B 155 27.70 0.57 -11.35
N LEU B 156 28.19 -0.46 -12.01
CA LEU B 156 29.26 -1.25 -11.41
C LEU B 156 30.46 -0.36 -11.09
N ALA B 157 30.78 0.54 -12.02
CA ALA B 157 31.94 1.39 -11.93
C ALA B 157 31.78 2.43 -10.82
N TYR B 158 30.68 3.15 -10.75
CA TYR B 158 30.56 4.16 -9.69
C TYR B 158 30.49 3.53 -8.29
N SER B 159 29.99 2.30 -8.23
CA SER B 159 29.88 1.53 -7.00
C SER B 159 31.12 0.72 -6.64
N ASN B 160 32.12 0.72 -7.54
CA ASN B 160 33.34 -0.06 -7.31
C ASN B 160 33.09 -1.59 -7.16
N LYS B 161 32.14 -2.10 -7.94
CA LYS B 161 31.89 -3.55 -7.98
C LYS B 161 32.48 -4.16 -9.23
N THR B 162 32.78 -5.43 -9.15
CA THR B 162 33.22 -6.19 -10.30
C THR B 162 32.04 -6.99 -10.86
N VAL B 163 32.11 -7.31 -12.13
CA VAL B 163 31.13 -8.25 -12.70
C VAL B 163 31.24 -9.62 -12.00
N GLY B 164 30.11 -10.19 -11.57
CA GLY B 164 30.02 -11.50 -10.90
C GLY B 164 29.83 -11.41 -9.38
N GLU B 165 29.98 -10.21 -8.84
CA GLU B 165 30.04 -9.97 -7.42
C GLU B 165 28.63 -9.82 -6.85
N LEU B 166 28.35 -10.50 -5.75
CA LEU B 166 27.08 -10.29 -5.06
C LEU B 166 27.04 -8.85 -4.54
N GLY B 167 25.85 -8.28 -4.47
CA GLY B 167 25.72 -6.88 -4.10
C GLY B 167 24.45 -6.54 -3.37
N ASP B 168 24.37 -5.28 -2.96
CA ASP B 168 23.35 -4.75 -2.06
C ASP B 168 22.70 -3.52 -2.72
N VAL B 169 21.38 -3.54 -2.91
CA VAL B 169 20.71 -2.49 -3.70
C VAL B 169 20.89 -1.14 -3.03
N ARG B 170 20.63 -1.11 -1.76
CA ARG B 170 20.77 0.10 -0.95
C ARG B 170 22.17 0.70 -1.03
N GLU B 171 23.17 -0.17 -1.03
CA GLU B 171 24.57 0.27 -1.13
C GLU B 171 24.83 0.87 -2.52
N THR B 172 24.41 0.18 -3.55
CA THR B 172 24.47 0.69 -4.91
C THR B 172 23.70 2.03 -5.09
N MET B 173 22.50 2.12 -4.55
CA MET B 173 21.73 3.33 -4.67
C MET B 173 22.46 4.50 -4.01
N THR B 174 23.09 4.24 -2.87
CA THR B 174 23.81 5.29 -2.22
C THR B 174 24.94 5.80 -3.10
N HIS B 175 25.67 4.91 -3.80
CA HIS B 175 26.71 5.38 -4.71
C HIS B 175 26.16 6.21 -5.88
N LEU B 176 25.13 5.68 -6.58
CA LEU B 176 24.50 6.34 -7.69
C LEU B 176 23.94 7.69 -7.39
N LEU B 177 23.23 7.79 -6.27
CA LEU B 177 22.55 9.03 -5.91
C LEU B 177 23.46 10.17 -5.55
N GLN B 178 24.73 9.88 -5.30
CA GLN B 178 25.74 10.93 -5.13
C GLN B 178 25.78 11.83 -6.37
N HIS B 179 25.34 11.28 -7.50
CA HIS B 179 25.46 11.92 -8.79
C HIS B 179 24.12 12.41 -9.27
N ALA B 180 23.14 12.37 -8.38
CA ALA B 180 21.77 12.63 -8.72
C ALA B 180 21.40 14.04 -8.41
N ASN B 181 20.31 14.46 -9.05
CA ASN B 181 19.80 15.85 -8.90
C ASN B 181 19.05 16.07 -7.60
N LEU B 182 19.73 15.90 -6.47
CA LEU B 182 19.08 16.01 -5.13
C LEU B 182 19.48 17.29 -4.32
N GLU B 183 20.06 18.27 -5.02
CA GLU B 183 20.58 19.51 -4.39
C GLU B 183 19.54 20.30 -3.59
N SER B 184 18.26 20.07 -3.84
CA SER B 184 17.24 20.73 -3.05
C SER B 184 16.34 19.72 -2.33
N ALA B 185 16.84 18.48 -2.13
CA ALA B 185 16.18 17.52 -1.25
C ALA B 185 16.45 17.91 0.21
N LYS B 186 15.44 17.84 1.06
CA LYS B 186 15.54 18.40 2.40
C LYS B 186 14.71 17.61 3.42
N ARG B 187 15.32 17.31 4.56
CA ARG B 187 14.69 16.52 5.62
C ARG B 187 15.01 17.07 7.01
N VAL B 188 13.97 17.31 7.81
CA VAL B 188 14.15 17.68 9.21
C VAL B 188 13.59 16.57 10.11
N LEU B 189 14.44 16.01 10.98
CA LEU B 189 14.05 15.00 11.96
C LEU B 189 14.18 15.54 13.38
N ASN B 190 13.26 15.17 14.27
CA ASN B 190 13.37 15.51 15.70
C ASN B 190 13.57 14.22 16.47
N VAL B 191 14.57 14.19 17.34
CA VAL B 191 14.83 13.08 18.26
C VAL B 191 14.49 13.49 19.69
N VAL B 192 13.63 12.70 20.35
CA VAL B 192 13.25 12.91 21.75
C VAL B 192 13.64 11.75 22.69
N CYS B 193 14.55 12.09 23.62
CA CYS B 193 15.01 11.23 24.69
C CYS B 193 14.59 11.81 26.01
N LYS B 194 13.91 10.99 26.81
CA LYS B 194 13.50 11.37 28.16
C LYS B 194 14.65 11.97 28.97
N HIS B 195 15.81 11.31 28.93
CA HIS B 195 16.96 11.76 29.72
C HIS B 195 17.65 12.96 29.11
N CYS B 196 18.00 12.85 27.83
CA CYS B 196 18.85 13.86 27.18
C CYS B 196 18.05 15.04 26.64
N GLY B 197 16.79 14.80 26.28
CA GLY B 197 15.91 15.89 25.88
C GLY B 197 15.51 15.82 24.41
N GLN B 198 15.55 16.96 23.74
CA GLN B 198 15.01 17.11 22.40
C GLN B 198 16.03 17.77 21.48
N LYS B 199 16.24 17.20 20.30
CA LYS B 199 17.21 17.73 19.35
C LYS B 199 16.71 17.57 17.93
N THR B 200 17.00 18.58 17.11
CA THR B 200 16.51 18.67 15.74
C THR B 200 17.66 18.45 14.78
N THR B 201 17.41 17.69 13.72
CA THR B 201 18.45 17.35 12.76
C THR B 201 17.96 17.68 11.36
N THR B 202 18.78 18.39 10.60
CA THR B 202 18.42 18.79 9.24
C THR B 202 19.38 18.13 8.31
N LEU B 203 18.83 17.46 7.29
CA LEU B 203 19.61 16.73 6.31
C LEU B 203 19.29 17.22 4.91
N THR B 204 20.27 17.09 4.00
CA THR B 204 20.07 17.38 2.59
C THR B 204 20.75 16.30 1.73
N GLY B 205 20.39 16.25 0.46
CA GLY B 205 21.03 15.32 -0.47
C GLY B 205 20.51 13.91 -0.29
N VAL B 206 21.42 12.93 -0.42
CA VAL B 206 21.09 11.49 -0.27
C VAL B 206 20.43 11.16 1.08
N GLU B 207 21.05 11.67 2.14
CA GLU B 207 20.58 11.50 3.50
C GLU B 207 19.20 12.08 3.70
N ALA B 208 18.68 12.87 2.75
CA ALA B 208 17.34 13.43 2.95
C ALA B 208 16.28 12.49 2.46
N VAL B 209 16.63 11.68 1.45
CA VAL B 209 15.67 10.77 0.78
C VAL B 209 15.84 9.30 1.15
N MET B 210 16.91 8.96 1.86
CA MET B 210 17.20 7.58 2.27
C MET B 210 17.22 7.40 3.77
N TYR B 211 16.56 6.35 4.23
CA TYR B 211 16.49 6.02 5.63
C TYR B 211 16.55 4.51 5.87
N MET B 212 17.22 4.15 6.96
CA MET B 212 17.40 2.77 7.41
C MET B 212 16.87 2.58 8.83
N GLY B 213 16.05 1.55 9.03
CA GLY B 213 15.46 1.27 10.33
C GLY B 213 14.00 0.86 10.25
N THR B 214 13.31 1.30 9.22
CA THR B 214 11.94 0.86 9.03
C THR B 214 11.56 0.93 7.57
N LEU B 215 10.68 0.02 7.14
CA LEU B 215 10.11 0.02 5.79
C LEU B 215 8.86 0.92 5.61
N SER B 216 8.33 1.45 6.71
CA SER B 216 7.09 2.24 6.72
C SER B 216 7.37 3.72 6.78
N TYR B 217 6.85 4.44 5.79
CA TYR B 217 6.89 5.89 5.80
C TYR B 217 5.93 6.47 6.85
N ASP B 218 4.93 5.68 7.23
CA ASP B 218 4.02 6.07 8.31
C ASP B 218 4.74 6.00 9.65
N ASN B 219 5.52 4.95 9.86
CA ASN B 219 6.25 4.77 11.13
C ASN B 219 7.22 5.91 11.44
N LEU B 220 7.88 6.39 10.39
CA LEU B 220 8.82 7.47 10.51
C LEU B 220 8.15 8.80 10.80
N LYS B 221 6.91 8.98 10.34
CA LYS B 221 6.14 10.19 10.65
C LYS B 221 5.60 10.12 12.06
N THR B 222 5.15 8.93 12.44
CA THR B 222 4.53 8.73 13.76
C THR B 222 5.57 8.39 14.80
N GLY B 223 6.81 8.15 14.39
CA GLY B 223 7.90 7.99 15.34
C GLY B 223 8.48 6.60 15.37
N VAL B 224 9.78 6.52 15.43
CA VAL B 224 10.46 5.25 15.42
C VAL B 224 11.44 5.27 16.57
N SER B 225 11.68 4.09 17.13
CA SER B 225 12.54 4.00 18.28
C SER B 225 13.98 3.91 17.79
N ILE B 226 14.85 4.71 18.41
CA ILE B 226 16.28 4.67 18.12
C ILE B 226 17.08 4.77 19.39
N PRO B 227 18.17 3.98 19.50
CA PRO B 227 19.03 4.11 20.68
C PRO B 227 19.64 5.52 20.79
N CYS B 228 19.83 5.98 22.01
CA CYS B 228 20.35 7.34 22.24
C CYS B 228 21.72 7.23 22.89
N VAL B 229 22.55 8.23 22.62
CA VAL B 229 23.85 8.36 23.26
C VAL B 229 23.82 7.83 24.71
N CYS B 230 22.89 8.32 25.53
CA CYS B 230 22.82 7.95 26.96
C CYS B 230 22.59 6.47 27.24
N GLY B 231 22.29 5.70 26.19
CA GLY B 231 22.09 4.25 26.28
C GLY B 231 20.63 3.87 26.17
N ARG B 232 19.75 4.73 26.68
CA ARG B 232 18.31 4.54 26.57
C ARG B 232 17.86 4.63 25.12
N ASP B 233 16.65 4.11 24.87
CA ASP B 233 15.99 4.18 23.57
C ASP B 233 15.21 5.51 23.49
N ALA B 234 15.31 6.21 22.37
CA ALA B 234 14.64 7.51 22.21
C ALA B 234 13.75 7.43 20.98
N THR B 235 12.89 8.42 20.77
CA THR B 235 11.98 8.39 19.62
C THR B 235 12.45 9.41 18.59
N GLN B 236 12.32 9.05 17.31
CA GLN B 236 12.70 9.91 16.19
C GLN B 236 11.54 9.93 15.20
N TYR B 237 11.17 11.12 14.74
CA TYR B 237 10.08 11.26 13.79
C TYR B 237 10.30 12.37 12.76
N LEU B 238 9.54 12.28 11.68
CA LEU B 238 9.73 13.13 10.53
C LEU B 238 9.03 14.45 10.73
N VAL B 239 9.82 15.51 10.88
CA VAL B 239 9.26 16.88 11.02
C VAL B 239 8.84 17.46 9.68
N GLN B 240 9.68 17.29 8.66
CA GLN B 240 9.48 17.96 7.37
C GLN B 240 10.26 17.24 6.28
N GLN B 241 9.67 17.14 5.09
CA GLN B 241 10.28 16.44 3.97
C GLN B 241 9.93 17.12 2.66
N GLU B 242 10.94 17.59 1.92
CA GLU B 242 10.73 18.15 0.58
C GLU B 242 11.59 17.30 -0.39
N SER B 243 10.92 16.48 -1.20
CA SER B 243 11.59 15.64 -2.19
C SER B 243 10.60 14.91 -3.09
N SER B 244 11.11 14.42 -4.22
CA SER B 244 10.37 13.64 -5.22
C SER B 244 10.03 12.25 -4.75
N PHE B 245 10.81 11.74 -3.84
CA PHE B 245 10.60 10.37 -3.34
C PHE B 245 11.37 10.10 -2.09
N VAL B 246 10.98 9.04 -1.41
CA VAL B 246 11.78 8.54 -0.31
C VAL B 246 12.04 7.05 -0.46
N MET B 247 13.17 6.64 0.11
CA MET B 247 13.56 5.23 0.12
C MET B 247 13.72 4.81 1.56
N MET B 248 12.89 3.85 1.95
CA MET B 248 12.82 3.36 3.32
C MET B 248 13.36 1.95 3.34
N SER B 249 14.40 1.70 4.13
CA SER B 249 15.02 0.36 4.18
C SER B 249 15.09 -0.21 5.56
N ALA B 250 15.42 -1.50 5.66
CA ALA B 250 15.44 -2.21 6.95
C ALA B 250 15.95 -3.63 6.70
N PRO B 251 16.48 -4.32 7.75
CA PRO B 251 16.87 -5.71 7.48
C PRO B 251 15.68 -6.48 6.96
N PRO B 252 15.90 -7.34 5.96
CA PRO B 252 14.80 -8.04 5.30
C PRO B 252 13.89 -8.62 6.35
N ALA B 253 12.61 -8.26 6.31
CA ALA B 253 11.59 -8.84 7.21
C ALA B 253 10.32 -9.20 6.43
N GLU B 254 9.57 -10.16 6.96
CA GLU B 254 8.28 -10.54 6.38
C GLU B 254 7.39 -9.28 6.42
N TYR B 255 6.72 -8.98 5.31
CA TYR B 255 6.11 -7.69 5.15
C TYR B 255 5.03 -7.72 4.10
N LYS B 256 4.04 -6.86 4.30
CA LYS B 256 2.83 -6.82 3.50
C LYS B 256 2.86 -5.60 2.62
N LEU B 257 2.60 -5.81 1.33
CA LEU B 257 2.51 -4.72 0.37
C LEU B 257 1.10 -4.63 -0.15
N GLN B 258 0.52 -3.45 0.01
CA GLN B 258 -0.87 -3.20 -0.33
C GLN B 258 -0.93 -2.14 -1.42
N GLN B 259 -1.61 -2.48 -2.51
CA GLN B 259 -1.70 -1.64 -3.67
C GLN B 259 -2.21 -0.26 -3.31
N GLY B 260 -1.55 0.79 -3.79
CA GLY B 260 -1.95 2.17 -3.54
C GLY B 260 -1.32 2.81 -2.32
N THR B 261 -0.42 2.10 -1.63
CA THR B 261 0.24 2.63 -0.44
C THR B 261 1.72 2.67 -0.61
N PHE B 262 2.20 2.34 -1.80
CA PHE B 262 3.61 2.46 -2.10
C PHE B 262 3.86 2.53 -3.61
N LEU B 263 5.09 2.87 -3.99
CA LEU B 263 5.49 2.95 -5.38
C LEU B 263 6.02 1.59 -5.89
N CYS B 264 7.03 1.07 -5.18
CA CYS B 264 7.73 -0.17 -5.55
C CYS B 264 8.69 -0.59 -4.42
N ALA B 265 9.31 -1.76 -4.52
CA ALA B 265 10.09 -2.30 -3.40
C ALA B 265 10.96 -3.47 -3.81
N ASN B 266 11.94 -3.79 -2.97
CA ASN B 266 12.81 -4.95 -3.26
C ASN B 266 12.61 -6.06 -2.23
N GLU B 267 12.26 -7.23 -2.73
CA GLU B 267 12.19 -8.43 -1.94
C GLU B 267 13.60 -8.99 -1.88
N TYR B 268 14.02 -9.41 -0.70
CA TYR B 268 15.28 -10.17 -0.57
C TYR B 268 15.08 -11.51 0.14
N THR B 269 15.23 -12.61 -0.58
CA THR B 269 15.20 -13.93 0.04
C THR B 269 16.61 -14.37 0.36
N GLY B 270 16.78 -15.05 1.47
CA GLY B 270 18.06 -15.67 1.80
C GLY B 270 18.67 -14.96 2.99
N ASN B 271 19.98 -15.04 3.14
CA ASN B 271 20.66 -14.51 4.31
C ASN B 271 21.74 -13.54 3.85
N TYR B 272 22.40 -12.91 4.82
CA TYR B 272 23.37 -11.88 4.55
C TYR B 272 24.52 -12.40 3.74
N GLN B 273 24.90 -13.66 3.92
CA GLN B 273 26.03 -14.22 3.20
C GLN B 273 25.72 -14.46 1.71
N CYS B 274 24.51 -14.91 1.42
CA CYS B 274 24.12 -15.14 0.03
C CYS B 274 22.61 -15.07 -0.14
N GLY B 275 22.14 -14.18 -1.02
CA GLY B 275 20.70 -14.05 -1.26
C GLY B 275 20.28 -13.67 -2.67
N HIS B 276 19.00 -13.43 -2.82
CA HIS B 276 18.40 -13.13 -4.10
C HIS B 276 17.38 -11.98 -4.05
N TYR B 277 17.54 -11.04 -4.96
CA TYR B 277 16.61 -9.89 -5.02
C TYR B 277 15.55 -10.15 -6.08
N THR B 278 14.33 -9.68 -5.85
CA THR B 278 13.37 -9.51 -6.93
C THR B 278 12.72 -8.17 -6.66
N HIS B 279 11.95 -7.66 -7.61
CA HIS B 279 11.39 -6.30 -7.53
C HIS B 279 9.91 -6.34 -7.63
N ILE B 280 9.27 -5.53 -6.79
CA ILE B 280 7.82 -5.42 -6.75
C ILE B 280 7.37 -4.01 -7.05
N THR B 281 6.54 -3.87 -8.05
CA THR B 281 6.00 -2.56 -8.40
C THR B 281 4.49 -2.64 -8.44
N ALA B 282 3.85 -1.49 -8.42
CA ALA B 282 2.38 -1.39 -8.39
C ALA B 282 1.90 -0.64 -9.62
N LYS B 283 1.22 -1.37 -10.50
CA LYS B 283 0.50 -0.78 -11.60
C LYS B 283 -0.96 -0.97 -11.21
N GLU B 284 -1.86 -1.26 -12.13
CA GLU B 284 -3.25 -1.61 -11.79
C GLU B 284 -3.34 -2.78 -10.80
N THR B 285 -2.33 -3.63 -10.76
CA THR B 285 -2.22 -4.68 -9.76
C THR B 285 -0.71 -4.83 -9.41
N LEU B 286 -0.36 -5.69 -8.45
CA LEU B 286 1.05 -5.84 -8.09
C LEU B 286 1.78 -6.72 -9.05
N TYR B 287 2.91 -6.23 -9.53
CA TYR B 287 3.77 -6.97 -10.41
C TYR B 287 5.02 -7.32 -9.65
N ARG B 288 5.42 -8.58 -9.72
CA ARG B 288 6.66 -9.06 -9.15
C ARG B 288 7.56 -9.42 -10.32
N ILE B 289 8.69 -8.76 -10.37
CA ILE B 289 9.65 -8.93 -11.42
C ILE B 289 10.95 -9.56 -10.89
N ASP B 290 11.23 -10.76 -11.42
CA ASP B 290 12.36 -11.60 -11.06
C ASP B 290 13.19 -11.78 -12.33
N GLY B 291 13.89 -10.71 -12.68
CA GLY B 291 14.66 -10.62 -13.92
C GLY B 291 13.78 -10.59 -15.15
N ALA B 292 13.82 -11.66 -15.95
CA ALA B 292 12.93 -11.82 -17.10
C ALA B 292 11.51 -12.35 -16.75
N HIS B 293 11.37 -13.00 -15.59
CA HIS B 293 10.10 -13.65 -15.21
C HIS B 293 9.22 -12.72 -14.40
N LEU B 294 7.94 -12.69 -14.76
CA LEU B 294 6.95 -11.80 -14.18
C LEU B 294 5.80 -12.61 -13.58
N THR B 295 5.35 -12.18 -12.42
CA THR B 295 4.16 -12.67 -11.79
C THR B 295 3.33 -11.47 -11.37
N LYS B 296 2.03 -11.55 -11.56
CA LYS B 296 1.12 -10.54 -11.01
C LYS B 296 0.31 -11.12 -9.83
N MET B 297 -0.25 -10.24 -9.01
CA MET B 297 -0.93 -10.65 -7.77
C MET B 297 -1.61 -9.42 -7.15
N SER B 298 -2.82 -9.56 -6.60
CA SER B 298 -3.54 -8.38 -6.08
C SER B 298 -2.96 -7.88 -4.76
N GLU B 299 -2.43 -8.81 -3.95
CA GLU B 299 -1.65 -8.47 -2.76
C GLU B 299 -0.40 -9.33 -2.66
N TYR B 300 0.40 -9.05 -1.63
CA TYR B 300 1.73 -9.66 -1.49
C TYR B 300 2.26 -9.71 -0.06
N LYS B 301 2.97 -10.79 0.25
CA LYS B 301 3.60 -10.95 1.53
C LYS B 301 4.90 -11.74 1.39
N GLY B 302 5.95 -11.19 1.98
CA GLY B 302 7.27 -11.77 1.85
C GLY B 302 8.37 -10.89 2.42
N PRO B 303 9.61 -11.35 2.28
CA PRO B 303 10.78 -10.64 2.84
C PRO B 303 11.17 -9.41 2.00
N VAL B 304 10.94 -8.23 2.56
CA VAL B 304 11.18 -6.97 1.90
C VAL B 304 12.23 -6.19 2.70
N THR B 305 13.06 -5.42 2.00
CA THR B 305 14.16 -4.73 2.65
C THR B 305 14.34 -3.27 2.22
N ASP B 306 13.71 -2.88 1.12
CA ASP B 306 13.63 -1.47 0.69
C ASP B 306 12.23 -1.25 0.15
N VAL B 307 11.62 -0.12 0.50
CA VAL B 307 10.34 0.32 -0.07
C VAL B 307 10.44 1.81 -0.46
N PHE B 308 9.92 2.12 -1.64
CA PHE B 308 9.99 3.43 -2.21
C PHE B 308 8.59 4.05 -2.15
N TYR B 309 8.55 5.37 -2.02
CA TYR B 309 7.28 6.09 -2.02
C TYR B 309 7.43 7.37 -2.81
N LYS B 310 6.35 7.80 -3.47
CA LYS B 310 6.32 9.12 -4.11
C LYS B 310 6.16 10.21 -3.04
N GLU B 311 6.75 11.38 -3.29
CA GLU B 311 6.66 12.50 -2.34
C GLU B 311 6.71 13.85 -3.08
N THR B 312 6.17 14.90 -2.46
CA THR B 312 6.37 16.27 -2.93
C THR B 312 6.82 17.18 -1.78
N SER B 313 5.90 17.42 -0.84
CA SER B 313 6.19 18.18 0.38
C SER B 313 5.41 17.61 1.56
N TYR B 314 6.05 17.46 2.72
CA TYR B 314 5.39 17.00 3.95
C TYR B 314 5.72 17.91 5.13
N THR B 315 4.72 18.13 5.98
CA THR B 315 4.88 18.89 7.21
C THR B 315 4.09 18.11 8.25
N THR B 316 4.75 17.68 9.33
CA THR B 316 4.05 16.95 10.40
C THR B 316 3.04 17.82 11.17
N THR B 317 2.17 17.13 11.93
CA THR B 317 1.23 17.79 12.84
C THR B 317 1.51 17.36 14.29
N ILE B 318 2.78 17.44 14.69
CA ILE B 318 3.23 17.16 16.07
C ILE B 318 4.16 18.29 16.54
N LYS B 319 3.76 18.96 17.62
CA LYS B 319 4.44 20.18 18.13
C LYS B 319 5.33 20.89 17.11
N PRO C 3 -21.05 21.15 25.22
CA PRO C 3 -19.69 21.13 24.72
C PRO C 3 -19.57 20.91 23.23
N LEU C 4 -20.64 20.49 22.57
CA LEU C 4 -20.59 20.42 21.12
C LEU C 4 -21.97 20.60 20.50
N SER C 5 -22.09 21.69 19.75
CA SER C 5 -23.30 22.01 19.00
C SER C 5 -23.06 21.61 17.56
N ILE C 6 -23.89 20.71 17.04
CA ILE C 6 -23.79 20.24 15.66
C ILE C 6 -25.12 20.38 14.92
N LEU C 7 -25.05 20.19 13.60
CA LEU C 7 -26.23 20.16 12.75
C LEU C 7 -26.51 18.72 12.33
N VAL C 8 -27.78 18.35 12.26
CA VAL C 8 -28.20 17.12 11.64
C VAL C 8 -29.13 17.47 10.49
N ARG C 9 -28.64 17.30 9.27
CA ARG C 9 -29.40 17.61 8.07
C ARG C 9 -30.26 16.43 7.63
N ASN C 10 -31.50 16.79 7.35
CA ASN C 10 -32.63 15.96 7.02
C ASN C 10 -32.54 15.44 5.59
N GLU C 11 -33.38 14.46 5.27
CA GLU C 11 -33.47 13.88 3.91
C GLU C 11 -34.17 14.83 2.94
N ARG C 12 -34.88 15.81 3.51
CA ARG C 12 -35.51 16.87 2.73
C ARG C 12 -34.62 18.10 2.57
N GLY C 13 -33.58 18.21 3.39
CA GLY C 13 -32.62 19.30 3.27
C GLY C 13 -32.65 20.30 4.40
N HIS C 14 -33.54 20.12 5.38
CA HIS C 14 -33.54 20.93 6.58
C HIS C 14 -32.60 20.37 7.65
N SER C 15 -31.76 21.22 8.22
CA SER C 15 -30.91 20.90 9.35
C SER C 15 -31.50 21.47 10.63
N ASN C 16 -31.42 20.70 11.71
CA ASN C 16 -31.72 21.15 13.07
C ASN C 16 -30.42 21.19 13.85
N ILE C 17 -30.31 22.04 14.85
CA ILE C 17 -29.10 22.07 15.67
C ILE C 17 -29.27 21.20 16.92
N TYR C 18 -28.24 20.46 17.30
CA TYR C 18 -28.28 19.66 18.53
C TYR C 18 -27.05 19.96 19.34
N GLU C 19 -27.21 20.16 20.65
CA GLU C 19 -26.05 20.19 21.53
C GLU C 19 -25.75 18.72 21.93
N VAL C 20 -24.48 18.30 21.93
CA VAL C 20 -24.10 16.92 22.29
C VAL C 20 -22.80 16.83 23.09
N PHE C 21 -22.66 15.75 23.85
CA PHE C 21 -21.42 15.39 24.51
C PHE C 21 -20.67 14.33 23.72
N LEU C 22 -19.35 14.44 23.67
CA LEU C 22 -18.51 13.42 23.00
C LEU C 22 -18.68 11.99 23.57
N THR C 23 -19.13 11.87 24.81
CA THR C 23 -19.35 10.60 25.48
C THR C 23 -20.76 10.02 25.38
N GLN C 24 -21.68 10.76 24.80
CA GLN C 24 -22.98 10.20 24.45
C GLN C 24 -22.84 9.17 23.34
N THR C 25 -23.80 8.26 23.25
CA THR C 25 -23.73 7.36 22.14
C THR C 25 -24.46 7.93 20.95
N VAL C 26 -24.15 7.34 19.82
CA VAL C 26 -24.92 7.57 18.65
C VAL C 26 -26.41 7.31 18.87
N ASP C 27 -26.71 6.25 19.60
CA ASP C 27 -28.10 5.95 20.00
C ASP C 27 -28.76 7.14 20.71
N THR C 28 -28.06 7.74 21.65
CA THR C 28 -28.59 8.90 22.36
C THR C 28 -28.98 9.97 21.37
N LEU C 29 -28.10 10.26 20.41
CA LEU C 29 -28.40 11.25 19.41
C LEU C 29 -29.59 10.85 18.52
N LYS C 30 -29.67 9.58 18.10
CA LYS C 30 -30.80 9.16 17.29
C LYS C 30 -32.10 9.41 18.06
N LYS C 31 -32.09 9.10 19.34
CA LYS C 31 -33.21 9.43 20.24
C LYS C 31 -33.58 10.93 20.16
N LYS C 32 -32.60 11.81 20.34
CA LYS C 32 -32.84 13.25 20.23
C LYS C 32 -33.49 13.59 18.90
N VAL C 33 -32.95 13.03 17.83
CA VAL C 33 -33.46 13.26 16.47
C VAL C 33 -34.81 12.62 16.29
N SER C 34 -34.97 11.40 16.77
CA SER C 34 -36.25 10.74 16.72
C SER C 34 -37.29 11.65 17.34
N GLN C 35 -36.99 12.15 18.55
CA GLN C 35 -37.94 13.00 19.29
C GLN C 35 -38.31 14.27 18.54
N ARG C 36 -37.32 15.06 18.14
CA ARG C 36 -37.58 16.30 17.42
C ARG C 36 -38.24 16.13 16.06
N GLU C 37 -37.83 15.14 15.28
CA GLU C 37 -38.45 14.85 13.97
C GLU C 37 -39.79 14.12 14.02
N GLN C 38 -40.12 13.56 15.19
CA GLN C 38 -41.28 12.69 15.37
C GLN C 38 -41.21 11.54 14.38
N VAL C 39 -40.05 10.92 14.32
CA VAL C 39 -39.85 9.75 13.49
C VAL C 39 -39.12 8.73 14.33
N HIS C 40 -39.56 7.49 14.26
CA HIS C 40 -39.04 6.44 15.13
C HIS C 40 -37.57 6.13 14.77
N GLU C 41 -36.74 5.91 15.80
CA GLU C 41 -35.29 5.58 15.65
C GLU C 41 -35.00 4.46 14.65
N ASP C 42 -35.80 3.42 14.65
CA ASP C 42 -35.52 2.29 13.80
C ASP C 42 -35.74 2.62 12.34
N GLN C 43 -36.49 3.67 12.02
CA GLN C 43 -36.81 3.94 10.61
C GLN C 43 -35.75 4.80 9.86
N PHE C 44 -34.68 5.22 10.53
CA PHE C 44 -33.59 5.98 9.85
C PHE C 44 -32.21 5.60 10.32
N TRP C 45 -31.19 6.05 9.57
CA TRP C 45 -29.78 5.97 10.02
C TRP C 45 -28.97 7.29 9.77
N LEU C 46 -27.84 7.43 10.46
CA LEU C 46 -26.95 8.59 10.38
C LEU C 46 -25.57 8.29 9.80
N SER C 47 -25.06 9.22 9.00
CA SER C 47 -23.67 9.21 8.57
C SER C 47 -23.01 10.54 8.84
N PHE C 48 -21.70 10.46 9.00
CA PHE C 48 -20.90 11.63 9.07
C PHE C 48 -19.77 11.51 8.05
N GLU C 49 -19.76 12.39 7.06
CA GLU C 49 -18.70 12.45 6.07
C GLU C 49 -18.46 11.10 5.41
N GLY C 50 -19.57 10.47 5.01
CA GLY C 50 -19.56 9.18 4.32
C GLY C 50 -19.62 7.98 5.22
N ARG C 51 -19.41 8.17 6.52
CA ARG C 51 -19.22 7.09 7.45
C ARG C 51 -20.51 6.87 8.26
N PRO C 52 -21.10 5.66 8.18
CA PRO C 52 -22.27 5.42 9.01
C PRO C 52 -21.92 5.53 10.48
N MET C 53 -22.83 6.08 11.25
CA MET C 53 -22.58 6.22 12.68
C MET C 53 -23.27 5.11 13.48
N GLU C 54 -22.51 4.33 14.22
CA GLU C 54 -23.04 3.08 14.82
C GLU C 54 -23.59 3.33 16.24
N ASP C 55 -24.76 2.70 16.52
CA ASP C 55 -25.58 3.01 17.70
C ASP C 55 -24.80 2.89 18.97
N LYS C 56 -24.02 1.81 19.07
CA LYS C 56 -23.22 1.49 20.28
C LYS C 56 -22.08 2.48 20.49
N GLU C 57 -21.59 3.07 19.41
CA GLU C 57 -20.40 3.87 19.48
C GLU C 57 -20.67 5.28 20.11
N LEU C 58 -19.62 5.84 20.68
CA LEU C 58 -19.64 7.17 21.26
C LEU C 58 -19.44 8.18 20.16
N LEU C 59 -20.08 9.34 20.29
CA LEU C 59 -19.99 10.36 19.25
C LEU C 59 -18.52 10.78 19.00
N GLY C 60 -17.73 10.85 20.06
CA GLY C 60 -16.30 11.13 19.93
C GLY C 60 -15.52 10.31 18.90
N GLU C 61 -15.96 9.08 18.65
CA GLU C 61 -15.26 8.22 17.67
C GLU C 61 -15.27 8.78 16.24
N TYR C 62 -16.25 9.64 15.94
CA TYR C 62 -16.40 10.18 14.59
C TYR C 62 -15.72 11.52 14.29
N GLY C 63 -15.08 12.13 15.27
CA GLY C 63 -14.33 13.37 15.02
C GLY C 63 -15.25 14.50 14.59
N LEU C 64 -16.27 14.74 15.40
CA LEU C 64 -17.26 15.80 15.15
C LEU C 64 -16.64 17.15 15.49
N LYS C 65 -16.90 18.14 14.62
CA LYS C 65 -16.44 19.52 14.86
C LYS C 65 -17.66 20.40 15.11
N PRO C 66 -17.49 21.58 15.75
CA PRO C 66 -18.65 22.45 15.96
C PRO C 66 -19.26 22.88 14.61
N GLN C 67 -20.58 22.98 14.56
CA GLN C 67 -21.27 23.29 13.32
C GLN C 67 -20.97 22.29 12.19
N CYS C 68 -20.54 21.06 12.51
CA CYS C 68 -20.42 20.04 11.47
C CYS C 68 -21.81 19.47 11.18
N THR C 69 -21.98 18.83 10.03
CA THR C 69 -23.29 18.30 9.67
C THR C 69 -23.27 16.74 9.65
N VAL C 70 -24.17 16.16 10.44
CA VAL C 70 -24.53 14.76 10.32
C VAL C 70 -25.71 14.67 9.38
N ILE C 71 -25.72 13.62 8.57
CA ILE C 71 -26.83 13.35 7.66
C ILE C 71 -27.72 12.21 8.14
N LYS C 72 -29.01 12.46 8.00
CA LYS C 72 -30.06 11.52 8.31
C LYS C 72 -30.63 10.90 7.03
N HIS C 73 -30.70 9.58 7.01
CA HIS C 73 -31.17 8.81 5.85
C HIS C 73 -32.36 7.99 6.21
N LEU C 74 -33.41 8.06 5.41
CA LEU C 74 -34.54 7.18 5.61
C LEU C 74 -34.14 5.75 5.23
N ARG C 75 -34.58 4.82 6.05
CA ARG C 75 -34.21 3.42 5.95
C ARG C 75 -35.39 2.62 5.33
N LEU C 76 -35.18 2.03 4.16
CA LEU C 76 -36.15 0.99 3.64
C LEU C 76 -36.05 -0.33 4.43
N ARG C 77 -37.11 -1.12 4.40
CA ARG C 77 -37.17 -2.37 5.14
C ARG C 77 -37.55 -3.49 4.20
N GLY C 78 -36.56 -3.91 3.42
CA GLY C 78 -36.74 -4.94 2.41
C GLY C 78 -36.42 -6.32 2.95
N LYS D 7 -40.24 -21.57 34.71
CA LYS D 7 -39.41 -20.49 34.11
C LYS D 7 -37.91 -20.58 34.46
N THR D 8 -37.34 -21.67 33.96
CA THR D 8 -36.00 -21.70 33.43
C THR D 8 -36.32 -22.13 32.00
N ILE D 9 -35.32 -22.24 31.12
CA ILE D 9 -35.58 -22.49 29.70
C ILE D 9 -34.47 -23.31 29.08
N LYS D 10 -34.86 -24.18 28.14
CA LYS D 10 -33.94 -25.12 27.47
C LYS D 10 -33.42 -24.56 26.13
N VAL D 11 -32.13 -24.77 25.87
CA VAL D 11 -31.37 -24.07 24.83
C VAL D 11 -30.16 -24.86 24.32
N PHE D 12 -29.73 -24.59 23.08
CA PHE D 12 -28.61 -25.32 22.48
C PHE D 12 -27.40 -24.41 22.36
N THR D 13 -26.22 -24.94 22.70
CA THR D 13 -24.97 -24.15 22.57
C THR D 13 -24.00 -24.84 21.64
N THR D 14 -23.03 -24.07 21.16
CA THR D 14 -21.98 -24.49 20.22
C THR D 14 -20.81 -23.45 20.21
N VAL D 15 -19.59 -23.93 19.99
CA VAL D 15 -18.39 -23.09 19.79
C VAL D 15 -17.81 -23.17 18.37
N ASP D 16 -18.39 -23.97 17.49
CA ASP D 16 -17.81 -24.19 16.16
C ASP D 16 -18.85 -24.36 15.05
N ASN D 17 -20.09 -24.02 15.33
CA ASN D 17 -21.26 -24.29 14.48
C ASN D 17 -21.52 -25.75 14.03
N THR D 18 -20.66 -26.69 14.40
CA THR D 18 -20.83 -28.08 13.99
C THR D 18 -21.55 -28.86 15.08
N ASN D 19 -21.11 -28.68 16.32
CA ASN D 19 -21.54 -29.50 17.42
C ASN D 19 -22.44 -28.76 18.37
N LEU D 20 -23.62 -29.32 18.60
CA LEU D 20 -24.57 -28.73 19.52
C LEU D 20 -24.51 -29.37 20.89
N HIS D 21 -24.84 -28.56 21.90
CA HIS D 21 -24.84 -28.97 23.29
C HIS D 21 -26.12 -28.47 23.93
N THR D 22 -26.98 -29.41 24.29
CA THR D 22 -28.21 -29.08 24.96
C THR D 22 -27.89 -28.45 26.31
N GLN D 23 -28.72 -27.51 26.72
CA GLN D 23 -28.36 -26.61 27.81
C GLN D 23 -29.56 -26.01 28.52
N LEU D 24 -29.39 -25.74 29.79
CA LEU D 24 -30.48 -25.30 30.66
C LEU D 24 -30.13 -23.91 31.17
N VAL D 25 -31.01 -22.94 30.99
CA VAL D 25 -30.66 -21.61 31.41
C VAL D 25 -31.63 -21.06 32.43
N ASP D 26 -31.04 -20.41 33.42
CA ASP D 26 -31.77 -19.72 34.46
C ASP D 26 -32.22 -18.35 33.93
N MET D 27 -33.52 -18.09 33.96
CA MET D 27 -34.06 -16.82 33.46
C MET D 27 -33.82 -15.60 34.36
N SER D 28 -33.42 -15.83 35.60
CA SER D 28 -33.09 -14.72 36.50
C SER D 28 -31.75 -14.12 36.13
N MET D 29 -30.88 -14.94 35.55
CA MET D 29 -29.50 -14.56 35.26
C MET D 29 -29.29 -14.21 33.79
N THR D 30 -28.39 -13.26 33.50
CA THR D 30 -28.05 -12.98 32.07
C THR D 30 -27.34 -14.18 31.45
N TYR D 31 -27.12 -14.10 30.15
CA TYR D 31 -26.38 -15.12 29.42
C TYR D 31 -24.92 -15.11 29.81
N GLY D 32 -24.36 -13.91 29.90
CA GLY D 32 -22.94 -13.75 30.24
C GLY D 32 -22.55 -14.36 31.57
N GLN D 33 -23.44 -14.25 32.55
CA GLN D 33 -23.27 -14.94 33.84
C GLN D 33 -23.18 -16.49 33.70
N GLN D 34 -23.84 -17.05 32.70
CA GLN D 34 -23.95 -18.52 32.56
C GLN D 34 -22.90 -19.11 31.61
N PHE D 35 -22.68 -18.49 30.45
CA PHE D 35 -21.75 -18.97 29.43
C PHE D 35 -20.57 -18.09 29.02
N GLY D 36 -20.47 -16.87 29.54
CA GLY D 36 -19.52 -15.92 28.96
C GLY D 36 -20.10 -15.29 27.71
N PRO D 37 -19.27 -14.59 26.92
CA PRO D 37 -19.88 -13.81 25.85
C PRO D 37 -20.65 -14.71 24.92
N THR D 38 -21.94 -14.41 24.75
CA THR D 38 -22.86 -15.30 24.06
C THR D 38 -23.55 -14.52 22.94
N TYR D 39 -23.77 -15.19 21.81
CA TYR D 39 -24.29 -14.55 20.64
C TYR D 39 -25.48 -15.31 20.07
N LEU D 40 -26.40 -14.56 19.47
CA LEU D 40 -27.57 -15.16 18.87
C LEU D 40 -28.07 -14.34 17.69
N ASP D 41 -28.32 -15.02 16.57
CA ASP D 41 -28.96 -14.39 15.40
C ASP D 41 -28.18 -13.15 14.86
N GLY D 42 -26.91 -13.05 15.22
CA GLY D 42 -26.06 -11.96 14.76
C GLY D 42 -26.01 -10.88 15.79
N ALA D 43 -26.56 -11.14 16.98
CA ALA D 43 -26.54 -10.15 18.07
C ALA D 43 -25.71 -10.62 19.26
N ASP D 44 -25.17 -9.66 20.01
CA ASP D 44 -24.53 -9.91 21.28
C ASP D 44 -25.63 -10.04 22.31
N VAL D 45 -25.72 -11.16 23.00
CA VAL D 45 -26.79 -11.37 24.00
C VAL D 45 -26.24 -11.62 25.40
N THR D 46 -24.94 -11.45 25.54
CA THR D 46 -24.23 -11.50 26.80
C THR D 46 -24.91 -10.82 27.99
N LYS D 47 -25.44 -9.61 27.76
CA LYS D 47 -25.93 -8.77 28.88
C LYS D 47 -27.39 -8.97 29.15
N ILE D 48 -28.08 -9.69 28.29
CA ILE D 48 -29.53 -9.80 28.44
C ILE D 48 -29.95 -11.12 29.13
N LYS D 49 -31.14 -11.11 29.70
CA LYS D 49 -31.63 -12.32 30.31
C LYS D 49 -32.43 -13.08 29.26
N PRO D 50 -32.59 -14.39 29.47
CA PRO D 50 -33.40 -15.20 28.58
C PRO D 50 -34.84 -14.74 28.46
N HIS D 51 -35.44 -15.01 27.30
CA HIS D 51 -36.84 -14.81 27.04
C HIS D 51 -37.38 -16.19 26.71
N VAL D 52 -38.68 -16.33 26.83
CA VAL D 52 -39.36 -17.57 26.45
C VAL D 52 -39.20 -17.88 24.96
N ASN D 53 -38.98 -16.83 24.18
CA ASN D 53 -38.84 -16.92 22.73
C ASN D 53 -37.48 -17.45 22.30
N HIS D 54 -36.54 -17.53 23.24
CA HIS D 54 -35.27 -18.24 23.02
C HIS D 54 -35.34 -19.74 23.19
N GLU D 55 -36.45 -20.23 23.71
CA GLU D 55 -36.63 -21.65 23.89
C GLU D 55 -36.36 -22.34 22.56
N GLY D 56 -35.28 -23.12 22.51
CA GLY D 56 -34.96 -23.98 21.38
C GLY D 56 -33.87 -23.49 20.45
N LYS D 57 -33.47 -22.24 20.61
CA LYS D 57 -32.55 -21.61 19.66
C LYS D 57 -31.13 -22.11 19.92
N THR D 58 -30.24 -21.84 18.96
CA THR D 58 -28.84 -22.20 19.11
C THR D 58 -28.00 -20.94 19.34
N PHE D 59 -27.24 -20.93 20.45
CA PHE D 59 -26.42 -19.80 20.88
C PHE D 59 -24.94 -20.08 20.65
N PHE D 60 -24.22 -19.07 20.19
CA PHE D 60 -22.80 -19.22 19.92
C PHE D 60 -22.02 -18.62 21.08
N VAL D 61 -21.14 -19.42 21.67
CA VAL D 61 -20.34 -19.01 22.83
C VAL D 61 -18.89 -18.87 22.43
N LEU D 62 -18.29 -17.75 22.81
CA LEU D 62 -16.96 -17.45 22.39
C LEU D 62 -16.23 -16.66 23.48
N PRO D 63 -15.37 -17.33 24.28
CA PRO D 63 -14.53 -16.60 25.26
C PRO D 63 -13.68 -15.51 24.61
N SER D 64 -13.63 -14.36 25.27
CA SER D 64 -12.94 -13.17 24.73
C SER D 64 -11.66 -12.89 25.50
N ASP D 65 -10.52 -13.14 24.85
CA ASP D 65 -9.20 -12.76 25.36
C ASP D 65 -8.76 -11.51 24.59
N ASP D 66 -7.47 -11.31 24.35
CA ASP D 66 -7.00 -10.28 23.41
C ASP D 66 -6.32 -10.86 22.15
N THR D 67 -6.19 -12.18 22.07
CA THR D 67 -5.73 -12.79 20.81
C THR D 67 -6.80 -12.55 19.76
N LEU D 68 -8.04 -12.67 20.20
CA LEU D 68 -9.21 -12.46 19.33
C LEU D 68 -9.28 -11.04 18.82
N ARG D 69 -9.09 -10.06 19.70
CA ARG D 69 -9.11 -8.66 19.32
C ARG D 69 -7.99 -8.35 18.30
N SER D 70 -6.81 -8.90 18.51
CA SER D 70 -5.72 -8.69 17.57
C SER D 70 -6.09 -9.25 16.20
N GLU D 71 -6.79 -10.38 16.17
CA GLU D 71 -7.17 -11.03 14.90
C GLU D 71 -8.36 -10.32 14.19
N ALA D 72 -9.36 -9.92 14.94
CA ALA D 72 -10.37 -9.01 14.40
C ALA D 72 -9.73 -7.81 13.67
N PHE D 73 -8.92 -7.05 14.39
CA PHE D 73 -8.28 -5.87 13.81
C PHE D 73 -7.48 -6.18 12.54
N GLU D 74 -6.66 -7.22 12.59
CA GLU D 74 -5.74 -7.55 11.48
C GLU D 74 -6.41 -8.11 10.24
N TYR D 75 -7.40 -8.98 10.46
CA TYR D 75 -8.05 -9.71 9.37
C TYR D 75 -9.45 -9.20 8.98
N TYR D 76 -10.12 -8.52 9.90
CA TYR D 76 -11.46 -7.99 9.65
C TYR D 76 -11.53 -6.45 9.74
N HIS D 77 -10.46 -5.83 10.25
CA HIS D 77 -10.29 -4.39 10.26
C HIS D 77 -11.41 -3.86 11.08
N THR D 78 -11.59 -4.41 12.28
CA THR D 78 -12.53 -3.82 13.22
C THR D 78 -11.99 -3.92 14.65
N LEU D 79 -12.39 -2.98 15.50
CA LEU D 79 -12.08 -3.05 16.93
C LEU D 79 -13.33 -3.29 17.82
N ASP D 80 -14.45 -3.62 17.23
CA ASP D 80 -15.59 -4.13 17.98
C ASP D 80 -15.30 -5.56 18.51
N GLU D 81 -15.29 -5.71 19.83
CA GLU D 81 -15.03 -7.00 20.46
C GLU D 81 -16.22 -7.95 20.30
N SER D 82 -17.35 -7.42 19.83
CA SER D 82 -18.53 -8.22 19.57
C SER D 82 -18.55 -8.78 18.16
N PHE D 83 -17.62 -8.38 17.30
CA PHE D 83 -17.71 -8.70 15.90
C PHE D 83 -17.70 -10.18 15.54
N LEU D 84 -16.72 -10.91 16.05
CA LEU D 84 -16.54 -12.30 15.63
C LEU D 84 -17.70 -13.14 16.15
N GLY D 85 -18.19 -12.83 17.33
CA GLY D 85 -19.35 -13.53 17.89
C GLY D 85 -20.60 -13.29 17.08
N ARG D 86 -20.88 -12.01 16.75
CA ARG D 86 -21.98 -11.68 15.84
C ARG D 86 -21.81 -12.39 14.47
N TYR D 87 -20.60 -12.35 13.92
CA TYR D 87 -20.35 -12.97 12.64
C TYR D 87 -20.62 -14.47 12.75
N MET D 88 -20.06 -15.11 13.76
CA MET D 88 -20.18 -16.53 13.87
C MET D 88 -21.61 -16.97 14.10
N SER D 89 -22.37 -16.18 14.83
CA SER D 89 -23.76 -16.52 15.13
C SER D 89 -24.67 -16.32 13.92
N ALA D 90 -24.36 -15.36 13.07
CA ALA D 90 -25.08 -15.24 11.80
C ALA D 90 -24.76 -16.43 10.89
N LEU D 91 -23.50 -16.81 10.85
CA LEU D 91 -23.01 -17.86 9.97
C LEU D 91 -23.69 -19.21 10.22
N ASN D 92 -24.09 -19.44 11.47
CA ASN D 92 -24.94 -20.57 11.77
C ASN D 92 -26.17 -20.64 10.86
N HIS D 93 -26.78 -19.48 10.59
CA HIS D 93 -27.95 -19.42 9.72
C HIS D 93 -27.52 -19.38 8.25
N THR D 94 -26.57 -18.50 7.90
CA THR D 94 -26.21 -18.38 6.48
C THR D 94 -25.65 -19.64 5.85
N LYS D 95 -25.12 -20.55 6.66
CA LYS D 95 -24.52 -21.74 6.12
C LYS D 95 -25.60 -22.68 5.57
N LYS D 96 -26.86 -22.45 5.96
CA LYS D 96 -28.01 -23.25 5.51
C LYS D 96 -28.78 -22.54 4.39
N TRP D 97 -28.35 -21.35 4.01
CA TRP D 97 -28.92 -20.72 2.85
C TRP D 97 -28.39 -21.38 1.57
N LYS D 98 -29.10 -21.18 0.47
CA LYS D 98 -28.75 -21.73 -0.84
C LYS D 98 -28.30 -20.60 -1.75
N PHE D 99 -27.26 -20.84 -2.52
CA PHE D 99 -26.65 -19.81 -3.33
C PHE D 99 -26.59 -20.22 -4.76
N PRO D 100 -27.77 -20.38 -5.42
CA PRO D 100 -27.82 -20.93 -6.77
C PRO D 100 -27.21 -19.94 -7.76
N GLN D 101 -26.81 -20.42 -8.93
CA GLN D 101 -26.35 -19.55 -9.99
C GLN D 101 -27.57 -19.12 -10.81
N VAL D 102 -27.75 -17.79 -10.90
CA VAL D 102 -28.80 -17.21 -11.70
C VAL D 102 -28.20 -16.15 -12.57
N GLY D 103 -28.49 -16.24 -13.87
CA GLY D 103 -27.67 -15.60 -14.88
C GLY D 103 -26.34 -16.29 -14.70
N GLY D 104 -25.27 -15.51 -14.74
CA GLY D 104 -23.95 -16.06 -14.42
C GLY D 104 -23.49 -15.46 -13.12
N LEU D 105 -24.43 -15.27 -12.21
CA LEU D 105 -24.18 -14.60 -10.95
C LEU D 105 -24.65 -15.49 -9.79
N THR D 106 -23.92 -15.45 -8.70
CA THR D 106 -24.34 -16.08 -7.47
C THR D 106 -25.44 -15.30 -6.76
N SER D 107 -26.62 -15.91 -6.64
CA SER D 107 -27.75 -15.25 -6.00
C SER D 107 -27.99 -15.96 -4.70
N ILE D 108 -29.09 -15.68 -4.01
CA ILE D 108 -29.44 -16.33 -2.74
C ILE D 108 -30.91 -16.61 -2.77
N LYS D 109 -31.25 -17.80 -2.37
CA LYS D 109 -32.62 -18.21 -2.26
C LYS D 109 -33.25 -17.50 -1.04
N TRP D 110 -34.45 -17.02 -1.24
CA TRP D 110 -35.20 -16.33 -0.20
C TRP D 110 -35.24 -17.18 1.07
N ALA D 111 -34.76 -16.61 2.15
CA ALA D 111 -35.04 -17.08 3.50
C ALA D 111 -34.67 -15.91 4.43
N ASP D 112 -35.24 -15.86 5.64
CA ASP D 112 -34.79 -14.97 6.65
C ASP D 112 -34.74 -13.52 6.15
N ASN D 113 -35.72 -13.08 5.39
CA ASN D 113 -35.70 -11.73 4.85
C ASN D 113 -34.38 -11.25 4.23
N ASN D 114 -33.75 -12.11 3.42
CA ASN D 114 -32.47 -11.86 2.82
C ASN D 114 -32.43 -11.32 1.39
N CYS D 115 -33.56 -10.82 0.91
CA CYS D 115 -33.60 -10.17 -0.43
C CYS D 115 -32.65 -8.97 -0.52
N TYR D 116 -32.51 -8.23 0.57
CA TYR D 116 -31.61 -7.07 0.50
C TYR D 116 -30.13 -7.53 0.45
N LEU D 117 -29.80 -8.58 1.17
CA LEU D 117 -28.47 -9.23 1.00
C LEU D 117 -28.19 -9.77 -0.43
N SER D 118 -29.21 -10.40 -1.02
CA SER D 118 -29.13 -10.90 -2.38
C SER D 118 -28.75 -9.78 -3.37
N SER D 119 -29.46 -8.66 -3.28
CA SER D 119 -29.22 -7.54 -4.16
C SER D 119 -27.84 -6.99 -3.95
N VAL D 120 -27.45 -6.88 -2.71
CA VAL D 120 -26.07 -6.45 -2.41
C VAL D 120 -25.03 -7.41 -3.02
N LEU D 121 -25.25 -8.71 -2.86
CA LEU D 121 -24.33 -9.70 -3.39
C LEU D 121 -24.28 -9.66 -4.90
N LEU D 122 -25.44 -9.49 -5.53
CA LEU D 122 -25.50 -9.51 -6.99
C LEU D 122 -24.83 -8.28 -7.64
N ALA D 123 -25.04 -7.09 -7.04
CA ALA D 123 -24.44 -5.86 -7.57
C ALA D 123 -22.93 -5.90 -7.53
N LEU D 124 -22.39 -6.28 -6.37
CA LEU D 124 -20.94 -6.35 -6.19
C LEU D 124 -20.24 -7.25 -7.21
N GLN D 125 -20.89 -8.32 -7.65
CA GLN D 125 -20.26 -9.17 -8.66
C GLN D 125 -20.13 -8.49 -9.99
N GLN D 126 -20.88 -7.42 -10.19
CA GLN D 126 -20.85 -6.69 -11.43
C GLN D 126 -20.00 -5.43 -11.33
N LEU D 127 -19.53 -5.10 -10.13
CA LEU D 127 -18.66 -3.95 -9.93
C LEU D 127 -17.21 -4.35 -9.84
N GLU D 128 -16.33 -3.50 -10.38
CA GLU D 128 -14.91 -3.61 -10.12
C GLU D 128 -14.59 -3.01 -8.77
N VAL D 129 -14.70 -3.85 -7.75
CA VAL D 129 -14.37 -3.44 -6.40
C VAL D 129 -13.59 -4.59 -5.70
N LYS D 130 -12.65 -4.21 -4.84
CA LYS D 130 -11.91 -5.15 -3.99
C LYS D 130 -12.01 -4.70 -2.51
N PHE D 131 -12.14 -5.65 -1.61
CA PHE D 131 -12.13 -5.31 -0.20
C PHE D 131 -10.74 -5.33 0.38
N ASN D 132 -10.42 -4.29 1.17
CA ASN D 132 -9.15 -4.15 1.86
C ASN D 132 -9.00 -5.06 3.07
N ALA D 133 -10.08 -5.39 3.78
CA ALA D 133 -9.96 -6.30 4.93
C ALA D 133 -9.81 -7.74 4.43
N PRO D 134 -8.71 -8.45 4.78
CA PRO D 134 -8.33 -9.74 4.16
C PRO D 134 -9.37 -10.87 4.22
N ALA D 135 -10.02 -11.05 5.36
CA ALA D 135 -11.06 -12.08 5.51
C ALA D 135 -12.30 -11.76 4.67
N LEU D 136 -12.62 -10.47 4.58
CA LEU D 136 -13.77 -10.01 3.81
C LEU D 136 -13.51 -10.25 2.33
N GLN D 137 -12.33 -9.89 1.86
CA GLN D 137 -12.01 -10.15 0.48
C GLN D 137 -11.91 -11.66 0.20
N GLU D 138 -11.40 -12.43 1.15
CA GLU D 138 -11.31 -13.87 0.99
C GLU D 138 -12.70 -14.46 0.80
N ALA D 139 -13.64 -14.03 1.64
CA ALA D 139 -15.01 -14.52 1.64
C ALA D 139 -15.80 -14.08 0.41
N TYR D 140 -15.44 -12.92 -0.11
CA TYR D 140 -16.01 -12.40 -1.35
C TYR D 140 -15.51 -13.19 -2.57
N TYR D 141 -14.23 -13.56 -2.61
CA TYR D 141 -13.75 -14.49 -3.63
C TYR D 141 -14.65 -15.72 -3.62
N ARG D 142 -14.82 -16.32 -2.44
CA ARG D 142 -15.55 -17.58 -2.36
C ARG D 142 -17.02 -17.38 -2.72
N ALA D 143 -17.55 -16.18 -2.52
CA ALA D 143 -18.94 -15.89 -2.88
C ALA D 143 -19.11 -15.78 -4.38
N ARG D 144 -18.23 -15.06 -5.05
CA ARG D 144 -18.20 -15.03 -6.51
C ARG D 144 -18.23 -16.44 -7.13
N ALA D 145 -17.62 -17.42 -6.49
CA ALA D 145 -17.65 -18.81 -6.97
C ALA D 145 -18.89 -19.59 -6.53
N GLY D 146 -19.63 -19.10 -5.55
CA GLY D 146 -20.87 -19.76 -5.12
C GLY D 146 -20.86 -20.20 -3.68
N ASP D 147 -19.71 -20.11 -3.03
CA ASP D 147 -19.55 -20.41 -1.63
C ASP D 147 -19.73 -19.11 -0.85
N ALA D 148 -20.99 -18.71 -0.64
CA ALA D 148 -21.31 -17.36 -0.22
C ALA D 148 -21.61 -17.19 1.27
N ALA D 149 -21.79 -18.29 1.98
CA ALA D 149 -22.33 -18.19 3.32
C ALA D 149 -21.53 -17.20 4.22
N ASN D 150 -20.20 -17.25 4.18
CA ASN D 150 -19.38 -16.44 5.04
C ASN D 150 -19.52 -14.98 4.65
N PHE D 151 -19.52 -14.71 3.35
CA PHE D 151 -19.66 -13.35 2.88
C PHE D 151 -20.96 -12.73 3.46
N CYS D 152 -22.01 -13.53 3.47
CA CYS D 152 -23.33 -13.00 3.86
C CYS D 152 -23.44 -12.76 5.35
N ALA D 153 -22.89 -13.65 6.17
CA ALA D 153 -22.76 -13.44 7.61
C ALA D 153 -21.89 -12.23 7.93
N LEU D 154 -20.88 -12.01 7.10
CA LEU D 154 -20.03 -10.83 7.23
C LEU D 154 -20.75 -9.53 6.87
N ILE D 155 -21.69 -9.60 5.94
CA ILE D 155 -22.44 -8.42 5.56
C ILE D 155 -23.29 -7.98 6.74
N LEU D 156 -23.94 -8.96 7.34
CA LEU D 156 -24.70 -8.72 8.55
C LEU D 156 -23.83 -8.14 9.64
N ALA D 157 -22.70 -8.77 9.90
CA ALA D 157 -21.80 -8.34 10.96
C ALA D 157 -21.35 -6.89 10.73
N TYR D 158 -20.79 -6.58 9.57
CA TYR D 158 -20.32 -5.23 9.24
C TYR D 158 -21.44 -4.17 9.24
N SER D 159 -22.67 -4.57 8.96
CA SER D 159 -23.83 -3.69 8.95
C SER D 159 -24.56 -3.66 10.30
N ASN D 160 -24.14 -4.46 11.26
CA ASN D 160 -24.80 -4.51 12.58
C ASN D 160 -26.25 -4.92 12.48
N LYS D 161 -26.50 -6.01 11.77
CA LYS D 161 -27.87 -6.47 11.56
C LYS D 161 -28.02 -7.92 11.98
N THR D 162 -29.26 -8.31 12.25
CA THR D 162 -29.56 -9.63 12.74
C THR D 162 -30.25 -10.45 11.67
N VAL D 163 -30.11 -11.76 11.80
CA VAL D 163 -30.71 -12.67 10.84
C VAL D 163 -32.18 -12.54 11.02
N GLY D 164 -32.88 -12.45 9.89
CA GLY D 164 -34.34 -12.22 9.91
C GLY D 164 -34.73 -10.78 9.70
N GLU D 165 -33.79 -9.86 9.86
CA GLU D 165 -34.14 -8.44 9.93
C GLU D 165 -34.28 -7.80 8.56
N LEU D 166 -35.42 -7.20 8.32
CA LEU D 166 -35.60 -6.39 7.11
C LEU D 166 -34.51 -5.33 6.98
N GLY D 167 -34.03 -5.12 5.75
CA GLY D 167 -32.83 -4.31 5.50
C GLY D 167 -32.95 -3.37 4.32
N ASP D 168 -32.05 -2.37 4.32
CA ASP D 168 -31.92 -1.40 3.25
C ASP D 168 -30.59 -1.63 2.47
N VAL D 169 -30.69 -1.83 1.15
CA VAL D 169 -29.53 -2.06 0.31
C VAL D 169 -28.50 -0.93 0.36
N ARG D 170 -28.97 0.30 0.26
CA ARG D 170 -28.08 1.47 0.21
C ARG D 170 -27.29 1.64 1.51
N GLU D 171 -27.97 1.37 2.62
CA GLU D 171 -27.35 1.40 3.92
C GLU D 171 -26.24 0.29 3.99
N THR D 172 -26.62 -0.92 3.62
CA THR D 172 -25.66 -2.02 3.62
C THR D 172 -24.45 -1.74 2.70
N MET D 173 -24.68 -1.20 1.51
CA MET D 173 -23.57 -0.88 0.61
C MET D 173 -22.67 0.15 1.25
N THR D 174 -23.26 1.10 1.94
CA THR D 174 -22.47 2.12 2.58
C THR D 174 -21.50 1.56 3.61
N HIS D 175 -21.98 0.62 4.43
CA HIS D 175 -21.12 -0.03 5.40
C HIS D 175 -20.04 -0.87 4.77
N LEU D 176 -20.41 -1.64 3.75
CA LEU D 176 -19.44 -2.57 3.10
C LEU D 176 -18.36 -1.82 2.40
N LEU D 177 -18.72 -0.66 1.86
CA LEU D 177 -17.83 0.13 1.05
C LEU D 177 -16.81 0.91 1.83
N GLN D 178 -16.95 1.00 3.15
CA GLN D 178 -15.89 1.65 3.96
C GLN D 178 -14.63 0.81 3.89
N HIS D 179 -14.82 -0.47 3.58
CA HIS D 179 -13.74 -1.43 3.55
C HIS D 179 -13.29 -1.74 2.12
N ALA D 180 -13.71 -0.93 1.15
CA ALA D 180 -13.40 -1.18 -0.26
C ALA D 180 -12.29 -0.26 -0.72
N ASN D 181 -11.67 -0.66 -1.83
CA ASN D 181 -10.62 0.12 -2.48
C ASN D 181 -11.11 1.41 -3.16
N LEU D 182 -11.56 2.39 -2.38
CA LEU D 182 -12.08 3.65 -2.95
C LEU D 182 -11.21 4.90 -2.73
N GLU D 183 -9.95 4.74 -2.36
CA GLU D 183 -9.12 5.88 -1.98
C GLU D 183 -8.78 6.72 -3.21
N SER D 184 -8.85 6.10 -4.38
CA SER D 184 -8.62 6.79 -5.66
C SER D 184 -9.88 7.51 -6.17
N ALA D 185 -11.04 7.20 -5.62
CA ALA D 185 -12.31 7.73 -6.17
C ALA D 185 -12.49 9.22 -5.90
N LYS D 186 -12.85 9.97 -6.94
CA LYS D 186 -12.99 11.41 -6.87
C LYS D 186 -14.24 11.90 -7.60
N ARG D 187 -14.88 12.93 -7.05
CA ARG D 187 -16.07 13.54 -7.66
C ARG D 187 -16.07 15.05 -7.48
N VAL D 188 -16.17 15.77 -8.60
CA VAL D 188 -16.34 17.22 -8.57
C VAL D 188 -17.74 17.63 -9.00
N LEU D 189 -18.39 18.40 -8.12
CA LEU D 189 -19.76 18.83 -8.31
C LEU D 189 -19.84 20.31 -8.25
N ASN D 190 -20.58 20.89 -9.19
CA ASN D 190 -20.83 22.32 -9.24
C ASN D 190 -22.29 22.64 -8.99
N VAL D 191 -22.53 23.59 -8.08
CA VAL D 191 -23.87 24.12 -7.81
C VAL D 191 -24.05 25.54 -8.36
N VAL D 192 -24.94 25.68 -9.36
CA VAL D 192 -25.27 27.00 -9.94
C VAL D 192 -26.57 27.61 -9.35
N CYS D 193 -26.47 28.79 -8.75
CA CYS D 193 -27.64 29.56 -8.33
C CYS D 193 -27.72 30.92 -9.10
N LYS D 194 -28.85 31.16 -9.78
CA LYS D 194 -29.18 32.46 -10.43
C LYS D 194 -28.73 33.67 -9.58
N HIS D 195 -29.02 33.60 -8.28
CA HIS D 195 -28.65 34.62 -7.32
C HIS D 195 -27.19 34.52 -6.85
N CYS D 196 -26.76 33.38 -6.33
CA CYS D 196 -25.44 33.26 -5.69
C CYS D 196 -24.28 32.81 -6.57
N GLY D 197 -24.45 32.74 -7.89
CA GLY D 197 -23.38 32.25 -8.78
C GLY D 197 -23.01 30.78 -8.59
N GLN D 198 -21.81 30.40 -9.02
CA GLN D 198 -21.32 29.02 -8.95
C GLN D 198 -20.52 28.73 -7.69
N LYS D 199 -20.62 27.51 -7.21
CA LYS D 199 -19.74 27.01 -6.16
C LYS D 199 -19.40 25.54 -6.46
N THR D 200 -18.13 25.14 -6.31
CA THR D 200 -17.67 23.74 -6.52
C THR D 200 -17.39 22.96 -5.22
N THR D 201 -17.69 21.66 -5.23
CA THR D 201 -17.35 20.76 -4.10
C THR D 201 -16.69 19.48 -4.61
N THR D 202 -15.71 19.04 -3.85
CA THR D 202 -14.90 17.87 -4.16
C THR D 202 -15.07 16.83 -3.08
N LEU D 203 -15.59 15.67 -3.49
CA LEU D 203 -15.76 14.48 -2.65
C LEU D 203 -14.79 13.37 -3.04
N THR D 204 -14.48 12.54 -2.04
CA THR D 204 -13.62 11.38 -2.21
C THR D 204 -14.15 10.21 -1.42
N GLY D 205 -13.76 9.02 -1.81
CA GLY D 205 -14.13 7.84 -1.10
C GLY D 205 -15.53 7.44 -1.48
N VAL D 206 -16.30 7.03 -0.48
CA VAL D 206 -17.64 6.51 -0.68
C VAL D 206 -18.58 7.64 -1.11
N GLU D 207 -18.32 8.84 -0.58
CA GLU D 207 -19.03 10.05 -0.97
C GLU D 207 -18.89 10.42 -2.44
N ALA D 208 -17.87 9.92 -3.11
CA ALA D 208 -17.74 10.19 -4.54
C ALA D 208 -18.48 9.17 -5.44
N VAL D 209 -18.82 7.98 -4.90
CA VAL D 209 -19.54 6.97 -5.73
C VAL D 209 -21.07 6.93 -5.49
N MET D 210 -21.53 7.29 -4.30
CA MET D 210 -22.97 7.22 -3.98
C MET D 210 -23.61 8.60 -4.17
N TYR D 211 -24.83 8.64 -4.71
CA TYR D 211 -25.61 9.89 -4.74
C TYR D 211 -27.08 9.60 -4.46
N MET D 212 -27.68 10.45 -3.65
CA MET D 212 -29.09 10.32 -3.30
C MET D 212 -29.89 11.48 -3.85
N GLY D 213 -30.87 11.18 -4.71
CA GLY D 213 -31.76 12.20 -5.28
C GLY D 213 -32.29 11.94 -6.67
N THR D 214 -31.59 11.12 -7.44
CA THR D 214 -32.01 10.78 -8.79
C THR D 214 -31.37 9.47 -9.16
N LEU D 215 -32.07 8.75 -10.03
CA LEU D 215 -31.62 7.46 -10.51
C LEU D 215 -30.76 7.57 -11.75
N SER D 216 -30.83 8.72 -12.39
CA SER D 216 -30.23 8.86 -13.70
C SER D 216 -28.85 9.51 -13.57
N TYR D 217 -27.87 8.85 -14.16
CA TYR D 217 -26.51 9.36 -14.19
C TYR D 217 -26.45 10.52 -15.20
N ASP D 218 -27.19 10.38 -16.28
CA ASP D 218 -27.31 11.39 -17.28
C ASP D 218 -27.82 12.69 -16.64
N ASN D 219 -28.78 12.55 -15.74
CA ASN D 219 -29.47 13.65 -15.13
C ASN D 219 -28.53 14.42 -14.22
N LEU D 220 -27.68 13.67 -13.51
CA LEU D 220 -26.61 14.25 -12.73
C LEU D 220 -25.63 15.05 -13.62
N LYS D 221 -25.31 14.46 -14.78
CA LYS D 221 -24.46 15.14 -15.75
C LYS D 221 -25.09 16.39 -16.34
N THR D 222 -26.41 16.39 -16.54
CA THR D 222 -27.05 17.55 -17.18
C THR D 222 -27.58 18.62 -16.21
N GLY D 223 -27.71 18.30 -14.94
CA GLY D 223 -28.29 19.23 -13.98
C GLY D 223 -29.42 18.63 -13.15
N VAL D 224 -29.28 18.69 -11.83
CA VAL D 224 -30.31 18.26 -10.87
C VAL D 224 -30.69 19.42 -9.95
N SER D 225 -31.99 19.64 -9.77
CA SER D 225 -32.49 20.63 -8.85
C SER D 225 -32.21 20.29 -7.39
N ILE D 226 -31.63 21.23 -6.67
CA ILE D 226 -31.44 21.16 -5.23
C ILE D 226 -31.64 22.55 -4.58
N PRO D 227 -31.93 22.58 -3.28
CA PRO D 227 -32.19 23.82 -2.56
C PRO D 227 -30.94 24.61 -2.12
N CYS D 228 -30.66 25.73 -2.77
CA CYS D 228 -29.58 26.62 -2.31
C CYS D 228 -29.89 27.11 -0.90
N VAL D 229 -28.87 27.60 -0.20
CA VAL D 229 -29.08 28.07 1.16
C VAL D 229 -29.83 29.39 1.18
N CYS D 230 -29.76 30.16 0.09
CA CYS D 230 -30.50 31.43 -0.01
C CYS D 230 -32.01 31.21 0.04
N GLY D 231 -32.45 30.03 -0.34
CA GLY D 231 -33.88 29.68 -0.34
C GLY D 231 -34.31 29.15 -1.68
N ARG D 232 -33.49 29.35 -2.71
CA ARG D 232 -33.88 29.11 -4.09
C ARG D 232 -33.55 27.72 -4.56
N ASP D 233 -34.10 27.39 -5.71
CA ASP D 233 -33.77 26.15 -6.37
C ASP D 233 -32.55 26.42 -7.23
N ALA D 234 -31.55 25.56 -7.08
CA ALA D 234 -30.29 25.66 -7.81
C ALA D 234 -30.11 24.39 -8.61
N THR D 235 -29.12 24.39 -9.49
CA THR D 235 -28.82 23.22 -10.29
C THR D 235 -27.40 22.70 -9.95
N GLN D 236 -27.38 21.47 -9.46
CA GLN D 236 -26.17 20.74 -9.17
C GLN D 236 -25.84 19.87 -10.36
N TYR D 237 -24.59 19.89 -10.79
CA TYR D 237 -24.21 19.04 -11.88
C TYR D 237 -22.80 18.56 -11.76
N LEU D 238 -22.55 17.41 -12.38
CA LEU D 238 -21.27 16.72 -12.33
C LEU D 238 -20.23 17.35 -13.26
N VAL D 239 -19.10 17.73 -12.69
CA VAL D 239 -17.99 18.32 -13.43
C VAL D 239 -17.00 17.25 -13.82
N GLN D 240 -16.69 16.36 -12.88
CA GLN D 240 -15.69 15.34 -13.11
C GLN D 240 -15.88 14.12 -12.24
N GLN D 241 -15.58 12.97 -12.81
CA GLN D 241 -15.65 11.72 -12.08
C GLN D 241 -14.49 10.80 -12.41
N GLU D 242 -13.81 10.30 -11.37
CA GLU D 242 -12.95 9.11 -11.46
C GLU D 242 -13.39 8.04 -10.46
N SER D 243 -13.81 6.90 -10.97
CA SER D 243 -14.10 5.70 -10.18
C SER D 243 -14.52 4.65 -11.18
N SER D 244 -14.49 3.40 -10.77
CA SER D 244 -14.85 2.31 -11.69
C SER D 244 -16.38 2.15 -11.80
N PHE D 245 -17.12 2.73 -10.86
CA PHE D 245 -18.57 2.77 -10.98
C PHE D 245 -19.21 3.97 -10.23
N VAL D 246 -20.49 4.16 -10.47
CA VAL D 246 -21.28 5.02 -9.63
C VAL D 246 -22.56 4.34 -9.24
N MET D 247 -23.09 4.77 -8.09
CA MET D 247 -24.40 4.28 -7.61
C MET D 247 -25.30 5.50 -7.36
N MET D 248 -26.41 5.52 -8.10
CA MET D 248 -27.45 6.55 -8.02
C MET D 248 -28.69 5.97 -7.34
N SER D 249 -29.25 6.72 -6.40
CA SER D 249 -30.40 6.29 -5.63
C SER D 249 -31.41 7.41 -5.50
N ALA D 250 -32.66 6.97 -5.32
CA ALA D 250 -33.75 7.86 -5.05
C ALA D 250 -34.81 7.07 -4.30
N PRO D 251 -35.73 7.78 -3.61
CA PRO D 251 -36.84 7.07 -3.01
C PRO D 251 -37.57 6.24 -4.10
N PRO D 252 -37.97 5.01 -3.75
CA PRO D 252 -38.66 4.20 -4.75
C PRO D 252 -39.68 4.98 -5.63
N ALA D 253 -39.48 4.94 -6.92
CA ALA D 253 -40.49 5.43 -7.83
C ALA D 253 -40.50 4.54 -9.08
N GLU D 254 -41.63 4.57 -9.78
CA GLU D 254 -41.81 3.90 -11.04
C GLU D 254 -40.72 4.46 -11.91
N TYR D 255 -40.09 3.59 -12.71
CA TYR D 255 -38.98 4.01 -13.56
C TYR D 255 -38.76 2.95 -14.65
N LYS D 256 -38.39 3.43 -15.83
CA LYS D 256 -38.15 2.60 -16.99
C LYS D 256 -36.66 2.40 -17.11
N LEU D 257 -36.21 1.17 -17.21
CA LEU D 257 -34.78 0.91 -17.38
C LEU D 257 -34.61 0.49 -18.82
N GLN D 258 -33.67 1.11 -19.53
CA GLN D 258 -33.43 0.79 -20.92
C GLN D 258 -32.18 -0.09 -21.06
N GLN D 259 -32.35 -1.16 -21.82
CA GLN D 259 -31.31 -2.09 -22.10
C GLN D 259 -30.07 -1.36 -22.62
N GLY D 260 -28.92 -1.74 -22.08
CA GLY D 260 -27.64 -1.17 -22.47
C GLY D 260 -27.16 0.16 -21.86
N THR D 261 -27.96 0.81 -21.02
CA THR D 261 -27.62 2.17 -20.54
C THR D 261 -27.27 2.21 -19.05
N PHE D 262 -27.30 1.05 -18.42
CA PHE D 262 -27.00 0.93 -17.02
C PHE D 262 -26.39 -0.45 -16.87
N LEU D 263 -25.75 -0.67 -15.72
CA LEU D 263 -25.08 -1.90 -15.42
C LEU D 263 -26.07 -2.78 -14.60
N CYS D 264 -26.69 -2.21 -13.57
CA CYS D 264 -27.67 -2.98 -12.79
C CYS D 264 -28.48 -2.08 -11.88
N ALA D 265 -29.51 -2.65 -11.25
CA ALA D 265 -30.50 -1.86 -10.51
C ALA D 265 -31.32 -2.67 -9.47
N ASN D 266 -31.81 -1.99 -8.44
CA ASN D 266 -32.60 -2.61 -7.39
C ASN D 266 -34.02 -2.06 -7.44
N GLU D 267 -34.93 -3.01 -7.68
CA GLU D 267 -36.36 -2.83 -7.60
C GLU D 267 -36.84 -3.01 -6.15
N TYR D 268 -37.76 -2.16 -5.72
CA TYR D 268 -38.30 -2.25 -4.37
C TYR D 268 -39.80 -2.14 -4.41
N THR D 269 -40.50 -3.20 -4.01
CA THR D 269 -41.95 -3.17 -3.92
C THR D 269 -42.37 -3.13 -2.46
N GLY D 270 -43.55 -2.58 -2.22
CA GLY D 270 -44.09 -2.45 -0.87
C GLY D 270 -43.81 -1.10 -0.24
N ASN D 271 -44.00 -1.08 1.06
CA ASN D 271 -43.81 0.09 1.90
C ASN D 271 -42.36 0.25 2.29
N TYR D 272 -42.02 1.47 2.70
CA TYR D 272 -40.84 1.75 3.48
C TYR D 272 -40.75 0.88 4.70
N GLN D 273 -41.85 0.70 5.41
CA GLN D 273 -41.86 -0.10 6.63
C GLN D 273 -41.80 -1.63 6.37
N CYS D 274 -42.16 -2.10 5.17
CA CYS D 274 -42.07 -3.53 4.84
C CYS D 274 -42.04 -3.75 3.33
N GLY D 275 -40.95 -4.28 2.81
CA GLY D 275 -40.90 -4.45 1.36
C GLY D 275 -40.12 -5.60 0.83
N HIS D 276 -39.88 -5.50 -0.47
CA HIS D 276 -39.20 -6.53 -1.24
C HIS D 276 -38.30 -5.91 -2.31
N TYR D 277 -37.10 -6.44 -2.36
CA TYR D 277 -36.10 -6.07 -3.33
C TYR D 277 -36.01 -7.20 -4.36
N THR D 278 -35.73 -6.84 -5.61
CA THR D 278 -35.27 -7.80 -6.60
C THR D 278 -34.27 -7.08 -7.47
N HIS D 279 -33.47 -7.86 -8.19
CA HIS D 279 -32.30 -7.36 -8.88
C HIS D 279 -32.57 -7.45 -10.35
N ILE D 280 -32.12 -6.39 -11.05
CA ILE D 280 -32.25 -6.30 -12.49
C ILE D 280 -30.89 -5.95 -13.05
N THR D 281 -30.43 -6.80 -13.96
CA THR D 281 -29.16 -6.62 -14.59
C THR D 281 -29.37 -6.71 -16.08
N ALA D 282 -28.46 -6.11 -16.82
CA ALA D 282 -28.56 -5.98 -18.26
C ALA D 282 -27.45 -6.81 -18.92
N LYS D 283 -27.82 -7.80 -19.70
CA LYS D 283 -26.86 -8.60 -20.43
C LYS D 283 -27.31 -8.48 -21.88
N GLU D 284 -27.65 -9.58 -22.55
CA GLU D 284 -28.23 -9.47 -23.92
C GLU D 284 -29.68 -8.96 -23.90
N THR D 285 -30.35 -9.08 -22.76
CA THR D 285 -31.70 -8.56 -22.56
C THR D 285 -31.74 -8.16 -21.08
N LEU D 286 -32.84 -7.59 -20.58
CA LEU D 286 -32.95 -7.36 -19.15
C LEU D 286 -33.22 -8.67 -18.40
N TYR D 287 -32.42 -8.93 -17.38
CA TYR D 287 -32.56 -10.07 -16.49
C TYR D 287 -33.11 -9.60 -15.15
N ARG D 288 -34.26 -10.10 -14.74
CA ARG D 288 -34.82 -9.81 -13.41
C ARG D 288 -34.57 -11.01 -12.53
N ILE D 289 -33.64 -10.87 -11.58
CA ILE D 289 -33.37 -11.89 -10.60
C ILE D 289 -34.01 -11.64 -9.21
N ASP D 290 -35.03 -12.46 -8.91
CA ASP D 290 -35.73 -12.50 -7.63
C ASP D 290 -35.36 -13.74 -6.83
N GLY D 291 -34.34 -13.59 -5.98
CA GLY D 291 -33.61 -14.69 -5.38
C GLY D 291 -33.12 -15.73 -6.39
N ALA D 292 -33.77 -16.89 -6.36
CA ALA D 292 -33.43 -18.06 -7.16
C ALA D 292 -34.15 -18.05 -8.52
N HIS D 293 -35.00 -17.05 -8.76
CA HIS D 293 -35.89 -17.06 -9.93
C HIS D 293 -35.57 -15.94 -10.91
N LEU D 294 -35.49 -16.33 -12.17
CA LEU D 294 -35.12 -15.45 -13.27
C LEU D 294 -36.35 -15.12 -14.14
N THR D 295 -36.43 -13.90 -14.63
CA THR D 295 -37.31 -13.53 -15.73
C THR D 295 -36.43 -12.72 -16.67
N LYS D 296 -36.59 -12.89 -17.97
CA LYS D 296 -35.90 -12.06 -18.97
C LYS D 296 -36.94 -11.30 -19.77
N MET D 297 -36.61 -10.12 -20.23
CA MET D 297 -37.57 -9.26 -20.94
C MET D 297 -36.83 -8.08 -21.59
N SER D 298 -37.42 -7.51 -22.62
CA SER D 298 -36.78 -6.41 -23.38
C SER D 298 -36.87 -5.08 -22.69
N GLU D 299 -37.95 -4.93 -21.92
CA GLU D 299 -38.40 -3.66 -21.43
C GLU D 299 -38.87 -3.82 -19.99
N TYR D 300 -38.63 -2.79 -19.20
CA TYR D 300 -38.92 -2.85 -17.81
C TYR D 300 -39.45 -1.51 -17.35
N LYS D 301 -40.56 -1.56 -16.64
CA LYS D 301 -41.08 -0.41 -15.90
C LYS D 301 -41.53 -0.88 -14.52
N GLY D 302 -40.85 -0.42 -13.49
CA GLY D 302 -41.22 -0.75 -12.15
C GLY D 302 -40.65 0.22 -11.15
N PRO D 303 -40.90 -0.03 -9.86
CA PRO D 303 -40.45 0.88 -8.83
C PRO D 303 -39.00 0.53 -8.48
N VAL D 304 -38.12 1.43 -8.84
CA VAL D 304 -36.71 1.25 -8.71
C VAL D 304 -36.20 2.26 -7.70
N THR D 305 -35.19 1.88 -6.93
CA THR D 305 -34.63 2.76 -5.92
C THR D 305 -33.10 2.93 -6.00
N ASP D 306 -32.38 1.96 -6.58
CA ASP D 306 -30.91 2.06 -6.78
C ASP D 306 -30.57 1.69 -8.22
N VAL D 307 -29.73 2.48 -8.90
CA VAL D 307 -29.13 2.07 -10.18
C VAL D 307 -27.64 2.34 -10.26
N PHE D 308 -26.92 1.35 -10.82
CA PHE D 308 -25.49 1.34 -10.92
C PHE D 308 -25.08 1.56 -12.36
N TYR D 309 -23.97 2.25 -12.58
CA TYR D 309 -23.44 2.47 -13.92
C TYR D 309 -21.97 2.23 -13.93
N LYS D 310 -21.44 1.90 -15.10
CA LYS D 310 -20.02 1.72 -15.26
C LYS D 310 -19.38 3.09 -15.44
N GLU D 311 -18.19 3.26 -14.88
CA GLU D 311 -17.37 4.48 -15.15
C GLU D 311 -15.89 4.14 -15.27
N THR D 312 -15.17 5.08 -15.86
CA THR D 312 -13.72 5.13 -15.75
C THR D 312 -13.30 6.57 -15.44
N SER D 313 -13.48 7.45 -16.40
CA SER D 313 -13.13 8.84 -16.18
C SER D 313 -14.03 9.78 -16.96
N TYR D 314 -14.87 10.54 -16.26
CA TYR D 314 -15.72 11.51 -16.91
C TYR D 314 -15.24 12.93 -16.69
N THR D 315 -15.20 13.70 -17.76
CA THR D 315 -15.00 15.14 -17.70
C THR D 315 -16.07 15.83 -18.54
N THR D 316 -16.80 16.75 -17.92
CA THR D 316 -17.90 17.48 -18.58
C THR D 316 -17.43 18.40 -19.70
N THR D 317 -18.32 18.64 -20.66
CA THR D 317 -18.08 19.55 -21.79
C THR D 317 -18.95 20.81 -21.71
N ILE D 318 -19.84 20.84 -20.72
CA ILE D 318 -20.91 21.85 -20.65
C ILE D 318 -20.41 23.31 -20.74
N LYS D 319 -19.58 23.74 -19.77
CA LYS D 319 -19.22 25.19 -19.58
C LYS D 319 -19.68 25.67 -18.19
#